data_5JQ2
#
_entry.id   5JQ2
#
_cell.length_a   59.880
_cell.length_b   112.540
_cell.length_c   156.360
_cell.angle_alpha   90.000
_cell.angle_beta   90.000
_cell.angle_gamma   90.000
#
_symmetry.space_group_name_H-M   'P 21 21 21'
#
loop_
_entity.id
_entity.type
_entity.pdbx_description
1 polymer 'P450 BM3 L407C heme domain mutant'
2 non-polymer 'PROTOPORPHYRIN IX CONTAINING FE'
3 non-polymer N-PALMITOYLGLYCINE
4 non-polymer "bis(2,2'-bipyridine-kappa~2~N~1~,N~1'~)[2-iodo-N-(1,10-phenanthrolin-5-yl-kappa~2~N~1~,N~10~)acetamide]ruthenium(2+)"
5 water water
#
_entity_poly.entity_id   1
_entity_poly.type   'polypeptide(L)'
_entity_poly.pdbx_seq_one_letter_code
;TIKEMPQPKTFGELKNLPLLNTDKPVQALMKIADELGEIFKFEAPGRVTRYLSSQRLIKEACDESRFDKNLSQALKFVRD
FAGDGLFTSWTHEKNWKKAHNILLPSFSQQAMKGYHAMMVDIAVQLVQKWERLNADEHIEVPEDMTRLTLDTIGLCGFNY
RFNSFYRDQPHPFITSMVRALDEAMNKLQRANPDDPAYDENKRQFQEDIKVMNDLVDKIIADRKASGEQSDDLLTHMLNG
KDPETGEPLDDENIRYQIITFLIAGHETTSGLLSFALYFLVKNPHVLQKAAEEAARVLVDPVPSYKQVKQLKYVGMVLNE
ALRLWPTAPAFSLYAKEDTVLGGEYPLEKGDELMVLIPQLHRDKTIWGDDVEEFRPERFENPSAIPQHAFKPFGNGQRAC
IGQQFACHEATLVLGMMLKHFDFEDHTNYELDIKETLTLKPEGFVVKAKSKKIPLGGIPSPSTHHHHHH
;
_entity_poly.pdbx_strand_id   A,B
#
# COMPACT_ATOMS: atom_id res chain seq x y z
N THR A 1 -57.14 13.08 -19.86
CA THR A 1 -57.01 13.18 -21.35
C THR A 1 -55.96 12.20 -21.87
N ILE A 2 -56.37 10.93 -22.05
CA ILE A 2 -55.49 9.80 -22.44
C ILE A 2 -54.61 10.14 -23.65
N LYS A 3 -53.29 10.15 -23.44
CA LYS A 3 -52.29 10.32 -24.48
C LYS A 3 -51.64 8.98 -24.73
N GLU A 4 -51.12 8.81 -25.94
CA GLU A 4 -50.34 7.63 -26.25
C GLU A 4 -48.90 7.92 -25.88
N MET A 5 -48.26 6.93 -25.29
CA MET A 5 -46.91 7.08 -24.84
C MET A 5 -45.87 6.89 -25.95
N PRO A 6 -44.87 7.77 -26.03
CA PRO A 6 -43.77 7.55 -26.95
C PRO A 6 -42.95 6.32 -26.65
N GLN A 7 -42.22 5.84 -27.66
CA GLN A 7 -41.42 4.63 -27.55
C GLN A 7 -40.20 4.70 -28.49
N PRO A 8 -38.98 4.36 -28.00
CA PRO A 8 -37.84 4.39 -28.93
C PRO A 8 -37.90 3.23 -29.93
N LYS A 9 -36.89 3.21 -30.82
CA LYS A 9 -36.91 2.33 -31.99
C LYS A 9 -36.75 0.83 -31.62
N THR A 10 -37.28 -0.04 -32.47
CA THR A 10 -37.39 -1.46 -32.14
C THR A 10 -36.59 -2.38 -33.02
N PHE A 11 -36.34 -3.59 -32.51
CA PHE A 11 -35.53 -4.64 -33.12
C PHE A 11 -36.37 -5.93 -33.28
N GLY A 12 -37.48 -5.84 -33.98
CA GLY A 12 -38.34 -7.00 -34.25
C GLY A 12 -38.77 -7.60 -32.93
N GLU A 13 -38.53 -8.90 -32.76
CA GLU A 13 -39.07 -9.65 -31.60
C GLU A 13 -38.33 -9.30 -30.32
N LEU A 14 -37.11 -8.76 -30.46
CA LEU A 14 -36.39 -8.25 -29.30
C LEU A 14 -36.91 -6.88 -28.75
N LYS A 15 -37.83 -6.24 -29.50
CA LYS A 15 -38.45 -5.01 -29.12
C LYS A 15 -37.36 -3.91 -28.82
N ASN A 16 -37.39 -3.25 -27.65
CA ASN A 16 -36.37 -2.26 -27.28
C ASN A 16 -35.12 -2.83 -26.65
N LEU A 17 -35.07 -4.12 -26.35
CA LEU A 17 -34.00 -4.63 -25.53
C LEU A 17 -32.59 -4.29 -26.04
N PRO A 18 -32.33 -4.38 -27.39
CA PRO A 18 -30.94 -4.11 -27.81
C PRO A 18 -30.44 -2.68 -27.58
N LEU A 19 -31.33 -1.74 -27.27
CA LEU A 19 -30.93 -0.40 -26.87
C LEU A 19 -30.09 -0.41 -25.57
N LEU A 20 -30.21 -1.50 -24.79
CA LEU A 20 -29.38 -1.71 -23.57
C LEU A 20 -28.07 -2.43 -23.84
N ASN A 21 -27.80 -2.81 -25.08
CA ASN A 21 -26.52 -3.45 -25.38
C ASN A 21 -25.40 -2.41 -25.57
N THR A 22 -24.88 -1.95 -24.46
CA THR A 22 -23.87 -0.88 -24.41
C THR A 22 -23.31 -0.88 -23.00
N ASP A 23 -22.08 -0.45 -22.85
CA ASP A 23 -21.54 -0.32 -21.50
C ASP A 23 -21.94 1.00 -20.78
N LYS A 24 -22.73 1.84 -21.46
CA LYS A 24 -23.27 3.11 -20.94
C LYS A 24 -24.81 3.23 -21.10
N PRO A 25 -25.55 2.28 -20.50
CA PRO A 25 -27.01 2.25 -20.70
C PRO A 25 -27.81 3.42 -20.11
N VAL A 26 -27.43 3.92 -18.92
CA VAL A 26 -28.13 5.08 -18.34
C VAL A 26 -27.92 6.30 -19.22
N GLN A 27 -26.71 6.49 -19.68
CA GLN A 27 -26.40 7.60 -20.60
C GLN A 27 -27.17 7.49 -21.93
N ALA A 28 -27.38 6.27 -22.41
CA ALA A 28 -28.14 6.01 -23.60
C ALA A 28 -29.66 6.30 -23.34
N LEU A 29 -30.15 5.93 -22.15
CA LEU A 29 -31.51 6.26 -21.76
C LEU A 29 -31.76 7.75 -21.61
N MET A 30 -30.77 8.52 -21.15
CA MET A 30 -30.90 10.01 -21.04
C MET A 30 -31.06 10.66 -22.43
N LYS A 31 -30.28 10.17 -23.38
CA LYS A 31 -30.42 10.59 -24.77
C LYS A 31 -31.82 10.31 -25.35
N ILE A 32 -32.33 9.10 -25.09
CA ILE A 32 -33.71 8.75 -25.47
C ILE A 32 -34.72 9.68 -24.80
N ALA A 33 -34.47 9.96 -23.51
CA ALA A 33 -35.36 10.89 -22.78
C ALA A 33 -35.37 12.30 -23.41
N ASP A 34 -34.21 12.75 -23.84
CA ASP A 34 -34.05 14.04 -24.53
C ASP A 34 -34.85 14.11 -25.82
N GLU A 35 -34.90 13.02 -26.58
CA GLU A 35 -35.70 12.96 -27.80
C GLU A 35 -37.19 12.78 -27.52
N LEU A 36 -37.58 11.99 -26.52
CA LEU A 36 -38.97 11.62 -26.40
C LEU A 36 -39.72 12.33 -25.27
N GLY A 37 -39.00 12.98 -24.37
CA GLY A 37 -39.65 13.77 -23.33
C GLY A 37 -39.81 13.08 -21.98
N GLU A 38 -40.77 13.58 -21.21
CA GLU A 38 -40.94 13.22 -19.82
C GLU A 38 -41.27 11.73 -19.51
N ILE A 39 -41.87 11.02 -20.45
CA ILE A 39 -42.19 9.63 -20.30
C ILE A 39 -42.04 8.86 -21.61
N PHE A 40 -41.40 7.69 -21.57
CA PHE A 40 -41.42 6.75 -22.70
C PHE A 40 -41.61 5.28 -22.27
N LYS A 41 -42.28 4.52 -23.13
CA LYS A 41 -42.48 3.08 -22.88
C LYS A 41 -41.22 2.35 -23.34
N PHE A 42 -40.78 1.33 -22.61
CA PHE A 42 -39.62 0.53 -22.97
C PHE A 42 -40.03 -0.94 -22.88
N GLU A 43 -40.06 -1.64 -24.03
CA GLU A 43 -40.44 -3.08 -24.10
C GLU A 43 -39.30 -4.03 -24.33
N ALA A 44 -39.36 -5.18 -23.65
CA ALA A 44 -38.52 -6.33 -23.91
C ALA A 44 -39.43 -7.55 -23.98
N PRO A 45 -38.89 -8.70 -24.44
CA PRO A 45 -39.75 -9.92 -24.46
C PRO A 45 -40.24 -10.19 -23.06
N GLY A 46 -41.57 -10.25 -22.90
CA GLY A 46 -42.19 -10.52 -21.60
C GLY A 46 -42.19 -9.41 -20.54
N ARG A 47 -41.82 -8.17 -20.90
CA ARG A 47 -41.57 -7.13 -19.91
C ARG A 47 -41.82 -5.75 -20.50
N VAL A 48 -42.41 -4.85 -19.71
CA VAL A 48 -42.55 -3.47 -20.09
C VAL A 48 -42.20 -2.62 -18.86
N THR A 49 -41.46 -1.54 -19.10
CA THR A 49 -41.30 -0.51 -18.12
C THR A 49 -41.46 0.84 -18.75
N ARG A 50 -41.73 1.83 -17.90
N ARG A 50 -41.70 1.85 -17.92
CA ARG A 50 -41.86 3.22 -18.30
CA ARG A 50 -41.90 3.21 -18.40
C ARG A 50 -40.77 4.01 -17.62
C ARG A 50 -40.94 4.15 -17.66
N TYR A 51 -40.03 4.76 -18.41
CA TYR A 51 -39.01 5.68 -17.90
C TYR A 51 -39.56 7.09 -17.74
N LEU A 52 -39.48 7.62 -16.50
CA LEU A 52 -39.94 8.95 -16.13
C LEU A 52 -38.82 9.93 -15.99
N SER A 53 -39.00 11.12 -16.54
CA SER A 53 -37.95 12.16 -16.48
C SER A 53 -38.36 13.54 -15.97
N SER A 54 -39.65 13.81 -15.76
CA SER A 54 -40.06 15.15 -15.38
C SER A 54 -40.46 15.12 -13.90
N GLN A 55 -40.23 16.25 -13.22
CA GLN A 55 -40.70 16.38 -11.83
C GLN A 55 -42.23 16.23 -11.72
N ARG A 56 -42.96 16.68 -12.75
CA ARG A 56 -44.44 16.63 -12.77
C ARG A 56 -44.95 15.17 -12.62
N LEU A 57 -44.28 14.20 -13.28
CA LEU A 57 -44.70 12.81 -13.16
C LEU A 57 -44.04 12.11 -11.96
N ILE A 58 -42.79 12.39 -11.73
CA ILE A 58 -42.04 11.75 -10.65
C ILE A 58 -42.64 12.11 -9.28
N LYS A 59 -43.17 13.32 -9.10
CA LYS A 59 -43.84 13.62 -7.80
C LYS A 59 -45.02 12.69 -7.52
N GLU A 60 -45.72 12.27 -8.58
CA GLU A 60 -46.75 11.25 -8.46
C GLU A 60 -46.18 9.89 -8.20
N ALA A 61 -45.16 9.51 -8.95
CA ALA A 61 -44.55 8.20 -8.69
C ALA A 61 -44.03 8.04 -7.24
N CYS A 62 -43.68 9.18 -6.64
CA CYS A 62 -43.21 9.28 -5.23
C CYS A 62 -44.27 9.23 -4.15
N ASP A 63 -45.54 9.11 -4.56
CA ASP A 63 -46.67 8.92 -3.61
C ASP A 63 -46.78 7.46 -3.20
N GLU A 64 -46.39 7.15 -1.97
CA GLU A 64 -46.44 5.80 -1.47
C GLU A 64 -47.85 5.20 -1.30
N SER A 65 -48.90 6.01 -1.33
CA SER A 65 -50.27 5.50 -1.35
C SER A 65 -50.60 4.86 -2.73
N ARG A 66 -49.84 5.18 -3.78
CA ARG A 66 -50.09 4.65 -5.14
C ARG A 66 -49.02 3.74 -5.77
N PHE A 67 -47.76 3.90 -5.31
CA PHE A 67 -46.62 3.20 -5.84
C PHE A 67 -45.70 2.70 -4.74
N ASP A 68 -45.27 1.44 -4.85
CA ASP A 68 -44.26 0.86 -3.96
C ASP A 68 -42.91 0.68 -4.70
N LYS A 69 -41.85 0.51 -3.94
CA LYS A 69 -40.56 0.23 -4.49
C LYS A 69 -40.66 -1.09 -5.24
N ASN A 70 -40.09 -1.11 -6.42
CA ASN A 70 -39.99 -2.30 -7.23
C ASN A 70 -38.53 -2.71 -7.30
N LEU A 71 -38.27 -4.02 -7.48
CA LEU A 71 -36.93 -4.48 -7.87
C LEU A 71 -36.81 -4.41 -9.38
N SER A 72 -36.04 -3.46 -9.87
CA SER A 72 -35.72 -3.43 -11.25
C SER A 72 -34.92 -4.72 -11.62
N GLN A 73 -34.75 -4.98 -12.92
CA GLN A 73 -33.96 -6.11 -13.40
C GLN A 73 -32.55 -6.07 -12.80
N ALA A 74 -31.99 -4.85 -12.75
CA ALA A 74 -30.68 -4.61 -12.18
C ALA A 74 -30.67 -5.08 -10.72
N LEU A 75 -31.68 -4.74 -9.95
CA LEU A 75 -31.68 -5.16 -8.55
C LEU A 75 -31.94 -6.69 -8.39
N LYS A 76 -32.74 -7.27 -9.27
CA LYS A 76 -32.95 -8.73 -9.25
C LYS A 76 -31.68 -9.50 -9.49
N PHE A 77 -30.82 -9.00 -10.36
CA PHE A 77 -29.53 -9.67 -10.63
C PHE A 77 -28.56 -9.44 -9.46
N VAL A 78 -28.53 -8.21 -8.94
CA VAL A 78 -27.80 -7.89 -7.72
C VAL A 78 -28.24 -8.76 -6.51
N ARG A 79 -29.54 -9.03 -6.40
CA ARG A 79 -30.05 -9.93 -5.34
C ARG A 79 -29.37 -11.29 -5.22
N ASP A 80 -28.87 -11.84 -6.32
CA ASP A 80 -28.10 -13.09 -6.32
C ASP A 80 -26.94 -13.08 -5.35
N PHE A 81 -26.38 -11.89 -5.04
CA PHE A 81 -25.39 -11.79 -3.96
C PHE A 81 -25.80 -10.96 -2.74
N ALA A 82 -26.73 -10.04 -2.90
CA ALA A 82 -27.18 -9.24 -1.76
C ALA A 82 -28.49 -9.70 -1.11
N GLY A 83 -29.10 -10.73 -1.68
CA GLY A 83 -30.34 -11.33 -1.12
C GLY A 83 -31.44 -10.38 -0.67
N ASP A 84 -32.05 -10.70 0.48
CA ASP A 84 -33.02 -9.84 1.10
C ASP A 84 -32.39 -8.87 2.10
N GLY A 85 -31.18 -8.38 1.80
CA GLY A 85 -30.66 -7.22 2.47
C GLY A 85 -31.52 -5.99 2.16
N LEU A 86 -31.22 -4.90 2.86
CA LEU A 86 -32.10 -3.73 2.77
C LEU A 86 -32.30 -3.12 1.37
N PHE A 87 -31.27 -3.16 0.52
CA PHE A 87 -31.32 -2.54 -0.80
C PHE A 87 -32.10 -3.38 -1.81
N THR A 88 -32.03 -4.69 -1.70
CA THR A 88 -32.67 -5.57 -2.67
C THR A 88 -33.88 -6.40 -2.18
N SER A 89 -34.51 -5.95 -1.11
CA SER A 89 -35.69 -6.62 -0.58
C SER A 89 -36.92 -5.84 -0.96
N TRP A 90 -38.04 -6.54 -1.10
CA TRP A 90 -39.32 -5.88 -1.31
C TRP A 90 -39.76 -5.29 0.00
N THR A 91 -40.53 -4.24 -0.06
CA THR A 91 -41.04 -3.57 1.16
C THR A 91 -41.87 -4.47 2.10
N HIS A 92 -42.60 -5.42 1.53
CA HIS A 92 -43.45 -6.34 2.28
C HIS A 92 -42.68 -7.59 2.78
N GLU A 93 -41.40 -7.75 2.45
CA GLU A 93 -40.65 -8.89 2.99
C GLU A 93 -40.40 -8.62 4.44
N LYS A 94 -40.58 -9.66 5.24
CA LYS A 94 -40.45 -9.55 6.68
C LYS A 94 -39.05 -9.08 7.05
N ASN A 95 -38.03 -9.53 6.33
CA ASN A 95 -36.67 -9.06 6.60
C ASN A 95 -36.43 -7.59 6.21
N TRP A 96 -37.25 -6.95 5.36
CA TRP A 96 -37.09 -5.52 5.11
C TRP A 96 -37.36 -4.68 6.39
N LYS A 97 -38.61 -4.73 6.91
CA LYS A 97 -38.92 -3.88 8.06
C LYS A 97 -38.14 -4.29 9.31
N LYS A 98 -37.84 -5.57 9.41
CA LYS A 98 -37.04 -6.08 10.49
C LYS A 98 -35.63 -5.47 10.47
N ALA A 99 -34.94 -5.61 9.35
CA ALA A 99 -33.59 -5.05 9.26
C ALA A 99 -33.60 -3.55 9.46
N HIS A 100 -34.60 -2.89 8.92
CA HIS A 100 -34.72 -1.44 8.98
C HIS A 100 -34.83 -0.89 10.43
N ASN A 101 -35.70 -1.51 11.23
CA ASN A 101 -35.86 -1.14 12.64
C ASN A 101 -34.61 -1.42 13.46
N ILE A 102 -34.00 -2.57 13.22
CA ILE A 102 -32.77 -2.99 13.92
C ILE A 102 -31.56 -2.06 13.60
N LEU A 103 -31.44 -1.64 12.33
CA LEU A 103 -30.25 -0.94 11.84
C LEU A 103 -30.39 0.56 11.80
N LEU A 104 -31.63 1.08 11.72
CA LEU A 104 -31.85 2.55 11.81
C LEU A 104 -31.12 3.31 12.95
N PRO A 105 -31.06 2.76 14.18
CA PRO A 105 -30.24 3.39 15.25
C PRO A 105 -28.73 3.60 14.94
N SER A 106 -28.15 2.74 14.10
CA SER A 106 -26.75 2.85 13.67
C SER A 106 -26.48 4.10 12.84
N PHE A 107 -27.53 4.74 12.32
CA PHE A 107 -27.40 6.03 11.62
C PHE A 107 -28.00 7.23 12.39
N SER A 108 -28.13 7.13 13.72
CA SER A 108 -28.62 8.25 14.51
C SER A 108 -27.50 9.25 14.68
N GLN A 109 -27.88 10.41 15.19
CA GLN A 109 -26.95 11.51 15.41
C GLN A 109 -25.85 11.15 16.43
N GLN A 110 -26.21 10.43 17.48
CA GLN A 110 -25.23 9.92 18.45
C GLN A 110 -24.26 8.92 17.79
N ALA A 111 -24.73 8.11 16.85
CA ALA A 111 -23.86 7.16 16.11
C ALA A 111 -22.86 7.90 15.22
N MET A 112 -23.36 8.94 14.54
CA MET A 112 -22.57 9.80 13.63
C MET A 112 -21.40 10.51 14.35
N LYS A 113 -21.68 11.08 15.51
CA LYS A 113 -20.65 11.67 16.36
C LYS A 113 -19.66 10.62 16.65
N GLY A 114 -20.14 9.43 16.97
CA GLY A 114 -19.28 8.30 17.19
C GLY A 114 -18.36 7.93 16.03
N TYR A 115 -18.88 7.97 14.80
CA TYR A 115 -18.11 7.55 13.63
C TYR A 115 -17.05 8.55 13.21
N HIS A 116 -17.15 9.78 13.70
CA HIS A 116 -16.40 10.87 13.12
C HIS A 116 -14.88 10.68 13.22
N ALA A 117 -14.40 10.25 14.37
CA ALA A 117 -12.98 9.95 14.54
C ALA A 117 -12.53 8.85 13.60
N MET A 118 -13.39 7.91 13.28
CA MET A 118 -12.93 6.85 12.36
C MET A 118 -12.82 7.34 10.95
N MET A 119 -13.78 8.18 10.55
CA MET A 119 -13.73 8.87 9.28
C MET A 119 -12.46 9.70 9.14
N VAL A 120 -12.15 10.46 10.17
CA VAL A 120 -10.93 11.25 10.24
C VAL A 120 -9.70 10.34 10.07
N ASP A 121 -9.68 9.19 10.72
CA ASP A 121 -8.59 8.22 10.58
C ASP A 121 -8.30 7.92 9.10
N ILE A 122 -9.33 7.66 8.33
CA ILE A 122 -9.15 7.25 6.95
C ILE A 122 -8.82 8.47 6.08
N ALA A 123 -9.43 9.62 6.36
CA ALA A 123 -9.15 10.84 5.62
C ALA A 123 -7.67 11.31 5.75
N VAL A 124 -7.12 11.11 6.93
CA VAL A 124 -5.72 11.37 7.16
C VAL A 124 -4.83 10.49 6.27
N GLN A 125 -5.22 9.23 6.14
CA GLN A 125 -4.50 8.33 5.28
C GLN A 125 -4.49 8.79 3.82
N LEU A 126 -5.59 9.36 3.35
CA LEU A 126 -5.67 9.91 1.99
C LEU A 126 -4.73 11.10 1.88
N VAL A 127 -4.84 12.02 2.83
CA VAL A 127 -4.04 13.23 2.77
C VAL A 127 -2.55 12.91 2.81
N GLN A 128 -2.14 11.99 3.67
CA GLN A 128 -0.73 11.67 3.77
C GLN A 128 -0.24 10.92 2.53
N LYS A 129 -1.10 10.13 1.91
CA LYS A 129 -0.75 9.50 0.65
C LYS A 129 -0.33 10.60 -0.35
N TRP A 130 -1.21 11.59 -0.51
CA TRP A 130 -0.98 12.65 -1.47
C TRP A 130 0.18 13.58 -1.05
N GLU A 131 0.38 13.82 0.25
CA GLU A 131 1.54 14.61 0.70
C GLU A 131 2.87 13.93 0.37
N ARG A 132 2.88 12.61 0.20
CA ARG A 132 4.07 11.81 0.05
C ARG A 132 4.37 11.46 -1.40
N LEU A 133 3.60 12.01 -2.32
CA LEU A 133 3.91 11.83 -3.74
C LEU A 133 5.15 12.68 -4.12
N ASN A 134 5.95 12.14 -5.04
CA ASN A 134 7.06 12.87 -5.62
C ASN A 134 6.59 13.80 -6.75
N ALA A 135 7.47 14.70 -7.15
CA ALA A 135 7.25 15.69 -8.20
C ALA A 135 6.74 15.19 -9.55
N ASP A 136 7.21 14.07 -10.10
CA ASP A 136 6.50 13.52 -11.32
C ASP A 136 4.98 13.51 -11.10
N GLU A 137 4.64 12.84 -10.00
CA GLU A 137 3.52 11.95 -9.94
C GLU A 137 2.18 12.65 -10.03
N HIS A 138 1.17 11.86 -10.27
CA HIS A 138 -0.19 12.36 -10.31
C HIS A 138 -1.07 11.43 -9.46
N ILE A 139 -2.33 11.80 -9.34
CA ILE A 139 -3.32 11.11 -8.54
C ILE A 139 -4.37 10.48 -9.46
N GLU A 140 -4.69 9.22 -9.21
CA GLU A 140 -5.78 8.54 -9.88
C GLU A 140 -7.04 8.73 -9.01
N VAL A 141 -7.91 9.62 -9.43
CA VAL A 141 -8.94 10.14 -8.51
C VAL A 141 -9.98 9.05 -8.05
N PRO A 142 -10.74 8.44 -8.99
CA PRO A 142 -11.74 7.46 -8.48
C PRO A 142 -11.12 6.25 -7.75
N GLU A 143 -9.90 5.89 -8.13
CA GLU A 143 -9.16 4.78 -7.44
C GLU A 143 -8.89 5.12 -5.96
N ASP A 144 -8.46 6.35 -5.67
CA ASP A 144 -8.17 6.77 -4.32
C ASP A 144 -9.45 7.02 -3.51
N MET A 145 -10.47 7.57 -4.16
CA MET A 145 -11.77 7.74 -3.51
C MET A 145 -12.40 6.42 -3.07
N THR A 146 -12.23 5.39 -3.89
CA THR A 146 -12.66 4.06 -3.51
C THR A 146 -11.87 3.49 -2.34
N ARG A 147 -10.58 3.73 -2.30
CA ARG A 147 -9.78 3.34 -1.16
C ARG A 147 -10.32 3.97 0.12
N LEU A 148 -10.61 5.29 0.06
CA LEU A 148 -11.09 6.05 1.23
C LEU A 148 -12.48 5.60 1.65
N THR A 149 -13.38 5.48 0.70
CA THR A 149 -14.81 5.16 1.06
C THR A 149 -14.98 3.74 1.47
N LEU A 150 -14.36 2.80 0.77
CA LEU A 150 -14.44 1.42 1.26
C LEU A 150 -13.84 1.32 2.66
N ASP A 151 -12.70 1.93 2.84
CA ASP A 151 -12.06 1.80 4.18
C ASP A 151 -12.94 2.43 5.26
N THR A 152 -13.64 3.50 4.93
CA THR A 152 -14.41 4.23 5.90
C THR A 152 -15.60 3.35 6.37
N ILE A 153 -16.29 2.69 5.45
CA ILE A 153 -17.43 1.91 5.84
C ILE A 153 -16.96 0.63 6.57
N GLY A 154 -15.81 0.08 6.16
CA GLY A 154 -15.20 -1.06 6.85
C GLY A 154 -14.95 -0.76 8.31
N LEU A 155 -14.33 0.38 8.57
CA LEU A 155 -13.91 0.71 9.93
C LEU A 155 -15.14 1.11 10.76
N CYS A 156 -15.93 2.04 10.24
CA CYS A 156 -17.09 2.56 10.96
C CYS A 156 -18.17 1.52 11.20
N GLY A 157 -18.43 0.74 10.17
CA GLY A 157 -19.49 -0.29 10.22
C GLY A 157 -19.12 -1.56 10.98
N PHE A 158 -17.89 -2.03 10.79
CA PHE A 158 -17.50 -3.40 11.08
C PHE A 158 -16.19 -3.52 11.90
N ASN A 159 -15.54 -2.40 12.20
CA ASN A 159 -14.25 -2.35 12.88
C ASN A 159 -13.24 -3.22 12.15
N TYR A 160 -13.31 -3.17 10.84
CA TYR A 160 -12.51 -4.03 10.01
C TYR A 160 -11.70 -3.12 9.04
N ARG A 161 -10.38 -3.39 8.96
CA ARG A 161 -9.51 -2.52 8.17
C ARG A 161 -9.23 -3.18 6.83
N PHE A 162 -9.85 -2.67 5.78
CA PHE A 162 -9.46 -3.13 4.44
C PHE A 162 -7.99 -2.76 4.08
N ASN A 163 -7.47 -1.67 4.65
CA ASN A 163 -6.08 -1.22 4.41
C ASN A 163 -5.83 -1.04 2.92
N SER A 164 -6.76 -0.37 2.30
CA SER A 164 -6.69 -0.02 0.87
C SER A 164 -5.50 0.86 0.43
N PHE A 165 -5.10 1.78 1.29
CA PHE A 165 -3.93 2.62 1.06
C PHE A 165 -2.59 1.90 1.14
N TYR A 166 -2.58 0.67 1.63
CA TYR A 166 -1.39 -0.23 1.64
C TYR A 166 -1.27 -1.11 0.38
N ARG A 167 -2.12 -0.90 -0.62
CA ARG A 167 -2.14 -1.68 -1.87
C ARG A 167 -2.10 -0.70 -3.04
N ASP A 168 -1.23 -0.96 -4.00
CA ASP A 168 -1.17 -0.17 -5.24
C ASP A 168 -2.18 -0.71 -6.30
N GLN A 169 -2.66 -1.94 -6.11
CA GLN A 169 -3.79 -2.48 -6.85
C GLN A 169 -5.11 -2.23 -6.10
N PRO A 170 -6.26 -2.33 -6.80
CA PRO A 170 -7.53 -2.34 -6.09
C PRO A 170 -7.57 -3.48 -5.10
N HIS A 171 -8.26 -3.26 -3.98
CA HIS A 171 -8.48 -4.34 -3.04
C HIS A 171 -9.24 -5.52 -3.73
N PRO A 172 -8.87 -6.76 -3.39
CA PRO A 172 -9.54 -7.86 -4.10
C PRO A 172 -11.10 -7.84 -4.10
N PHE A 173 -11.70 -7.50 -2.95
CA PHE A 173 -13.13 -7.29 -2.78
C PHE A 173 -13.71 -6.32 -3.85
N ILE A 174 -13.00 -5.23 -4.07
CA ILE A 174 -13.36 -4.23 -5.09
C ILE A 174 -13.31 -4.80 -6.50
N THR A 175 -12.25 -5.54 -6.80
CA THR A 175 -12.15 -6.22 -8.07
C THR A 175 -13.35 -7.19 -8.29
N SER A 176 -13.73 -7.95 -7.28
CA SER A 176 -14.83 -8.90 -7.47
C SER A 176 -16.20 -8.17 -7.51
N MET A 177 -16.39 -7.18 -6.64
CA MET A 177 -17.57 -6.31 -6.63
C MET A 177 -17.81 -5.64 -7.97
N VAL A 178 -16.78 -4.96 -8.46
CA VAL A 178 -16.87 -4.30 -9.73
C VAL A 178 -17.28 -5.26 -10.81
N ARG A 179 -16.64 -6.44 -10.89
CA ARG A 179 -16.96 -7.45 -11.93
C ARG A 179 -18.37 -7.98 -11.77
N ALA A 180 -18.82 -8.13 -10.52
CA ALA A 180 -20.17 -8.61 -10.25
C ALA A 180 -21.23 -7.58 -10.77
N LEU A 181 -21.01 -6.31 -10.48
CA LEU A 181 -21.94 -5.23 -10.90
C LEU A 181 -21.98 -5.07 -12.43
N ASP A 182 -20.80 -5.17 -13.03
CA ASP A 182 -20.66 -5.13 -14.45
C ASP A 182 -21.38 -6.30 -15.11
N GLU A 183 -21.29 -7.49 -14.50
CA GLU A 183 -22.02 -8.67 -14.99
C GLU A 183 -23.53 -8.45 -14.85
N ALA A 184 -23.97 -7.92 -13.71
CA ALA A 184 -25.38 -7.59 -13.52
C ALA A 184 -25.85 -6.61 -14.61
N MET A 185 -25.02 -5.63 -14.95
CA MET A 185 -25.39 -4.61 -15.98
C MET A 185 -25.45 -5.22 -17.39
N ASN A 186 -24.45 -6.03 -17.71
CA ASN A 186 -24.34 -6.71 -19.03
C ASN A 186 -25.49 -7.71 -19.24
N LYS A 187 -26.00 -8.24 -18.13
CA LYS A 187 -27.10 -9.22 -18.12
C LYS A 187 -28.43 -8.57 -18.58
N LEU A 188 -28.56 -7.26 -18.37
CA LEU A 188 -29.73 -6.49 -18.76
C LEU A 188 -30.10 -6.63 -20.24
N GLN A 189 -29.10 -6.77 -21.10
CA GLN A 189 -29.35 -6.90 -22.55
C GLN A 189 -29.65 -8.35 -23.03
N ARG A 190 -29.35 -9.36 -22.20
CA ARG A 190 -29.40 -10.76 -22.66
C ARG A 190 -30.84 -11.26 -22.83
N ALA A 191 -31.30 -11.38 -24.07
CA ALA A 191 -32.59 -12.04 -24.34
C ALA A 191 -32.60 -13.47 -23.81
N ASN A 192 -31.49 -14.21 -24.04
CA ASN A 192 -31.36 -15.61 -23.61
C ASN A 192 -30.19 -15.82 -22.66
N PRO A 193 -30.42 -15.54 -21.36
CA PRO A 193 -29.30 -15.58 -20.40
C PRO A 193 -28.69 -16.96 -20.18
N ASP A 194 -29.46 -18.02 -20.45
CA ASP A 194 -28.96 -19.38 -20.30
C ASP A 194 -28.36 -19.96 -21.57
N ASP A 195 -28.11 -19.14 -22.59
CA ASP A 195 -27.34 -19.61 -23.72
C ASP A 195 -25.93 -20.01 -23.22
N PRO A 196 -25.35 -21.10 -23.75
CA PRO A 196 -23.97 -21.50 -23.35
C PRO A 196 -22.88 -20.45 -23.56
N ALA A 197 -23.10 -19.49 -24.45
CA ALA A 197 -22.15 -18.41 -24.63
C ALA A 197 -21.84 -17.69 -23.30
N TYR A 198 -22.76 -17.77 -22.33
CA TYR A 198 -22.63 -17.08 -21.05
C TYR A 198 -22.18 -17.96 -19.89
N ASP A 199 -21.78 -19.19 -20.15
CA ASP A 199 -21.31 -20.10 -19.11
C ASP A 199 -20.06 -19.58 -18.40
N GLU A 200 -19.17 -18.94 -19.17
CA GLU A 200 -17.95 -18.36 -18.62
C GLU A 200 -18.26 -17.16 -17.71
N ASN A 201 -19.18 -16.31 -18.17
CA ASN A 201 -19.66 -15.19 -17.33
C ASN A 201 -20.23 -15.68 -16.02
N LYS A 202 -21.01 -16.76 -16.05
CA LYS A 202 -21.60 -17.34 -14.84
C LYS A 202 -20.55 -17.91 -13.91
N ARG A 203 -19.57 -18.61 -14.45
CA ARG A 203 -18.46 -19.13 -13.65
C ARG A 203 -17.74 -17.97 -12.92
N GLN A 204 -17.48 -16.86 -13.63
CA GLN A 204 -16.73 -15.75 -13.06
C GLN A 204 -17.55 -15.10 -11.95
N PHE A 205 -18.86 -14.95 -12.21
CA PHE A 205 -19.84 -14.41 -11.28
C PHE A 205 -19.85 -15.16 -9.96
N GLN A 206 -19.97 -16.48 -10.03
CA GLN A 206 -19.90 -17.33 -8.81
C GLN A 206 -18.56 -17.17 -8.11
N GLU A 207 -17.45 -17.13 -8.84
CA GLU A 207 -16.13 -16.87 -8.22
C GLU A 207 -16.11 -15.50 -7.48
N ASP A 208 -16.75 -14.48 -8.05
CA ASP A 208 -16.73 -13.15 -7.45
C ASP A 208 -17.61 -13.12 -6.20
N ILE A 209 -18.73 -13.83 -6.28
CA ILE A 209 -19.63 -13.94 -5.15
C ILE A 209 -18.90 -14.61 -3.98
N LYS A 210 -18.15 -15.68 -4.29
CA LYS A 210 -17.30 -16.38 -3.31
C LYS A 210 -16.26 -15.46 -2.64
N VAL A 211 -15.59 -14.64 -3.44
CA VAL A 211 -14.59 -13.72 -2.88
C VAL A 211 -15.30 -12.78 -1.91
N MET A 212 -16.46 -12.25 -2.31
CA MET A 212 -17.22 -11.40 -1.41
C MET A 212 -17.60 -12.16 -0.14
N ASN A 213 -18.08 -13.39 -0.27
CA ASN A 213 -18.42 -14.16 0.92
C ASN A 213 -17.20 -14.56 1.80
N ASP A 214 -16.02 -14.77 1.19
CA ASP A 214 -14.82 -15.04 2.01
C ASP A 214 -14.49 -13.83 2.87
N LEU A 215 -14.74 -12.63 2.36
CA LEU A 215 -14.44 -11.44 3.15
C LEU A 215 -15.44 -11.24 4.31
N VAL A 216 -16.73 -11.45 4.05
CA VAL A 216 -17.73 -11.46 5.10
C VAL A 216 -17.32 -12.45 6.20
N ASP A 217 -16.85 -13.65 5.84
CA ASP A 217 -16.42 -14.63 6.87
C ASP A 217 -15.35 -14.04 7.82
N LYS A 218 -14.34 -13.35 7.26
CA LYS A 218 -13.30 -12.72 8.08
C LYS A 218 -13.82 -11.57 8.97
N ILE A 219 -14.71 -10.72 8.43
CA ILE A 219 -15.38 -9.68 9.22
C ILE A 219 -16.08 -10.31 10.44
N ILE A 220 -16.87 -11.34 10.21
CA ILE A 220 -17.59 -12.02 11.28
C ILE A 220 -16.62 -12.72 12.24
N ALA A 221 -15.62 -13.47 11.76
CA ALA A 221 -14.67 -14.19 12.66
C ALA A 221 -13.78 -13.19 13.45
N ASP A 222 -13.40 -12.07 12.84
CA ASP A 222 -12.73 -11.02 13.62
C ASP A 222 -13.57 -10.41 14.76
N ARG A 223 -14.86 -10.17 14.54
CA ARG A 223 -15.71 -9.66 15.61
C ARG A 223 -15.90 -10.69 16.73
N LYS A 224 -16.10 -11.97 16.42
CA LYS A 224 -16.26 -13.00 17.49
C LYS A 224 -15.02 -13.15 18.32
N ALA A 225 -13.86 -13.15 17.66
CA ALA A 225 -12.52 -13.20 18.28
C ALA A 225 -12.29 -12.10 19.30
N SER A 226 -12.62 -10.87 18.96
CA SER A 226 -12.39 -9.76 19.88
C SER A 226 -13.49 -9.71 20.92
N GLY A 227 -14.74 -9.83 20.48
CA GLY A 227 -15.94 -9.62 21.31
C GLY A 227 -16.14 -8.16 21.70
N GLU A 228 -15.03 -7.50 22.08
CA GLU A 228 -14.95 -6.15 22.68
C GLU A 228 -15.90 -5.16 22.12
N GLN A 229 -16.36 -4.32 23.02
CA GLN A 229 -17.54 -3.54 22.78
C GLN A 229 -17.23 -2.48 21.75
N SER A 230 -17.42 -2.89 20.51
CA SER A 230 -17.86 -2.00 19.51
C SER A 230 -19.37 -1.82 19.80
N ASP A 231 -19.86 -0.61 19.59
CA ASP A 231 -21.27 -0.44 19.38
C ASP A 231 -21.36 0.22 18.02
N ASP A 232 -21.36 -0.64 16.99
CA ASP A 232 -21.41 -0.24 15.58
C ASP A 232 -22.50 -0.99 14.83
N LEU A 233 -22.57 -0.78 13.51
CA LEU A 233 -23.56 -1.45 12.69
C LEU A 233 -23.54 -2.99 12.88
N LEU A 234 -22.34 -3.55 12.86
CA LEU A 234 -22.19 -4.98 13.03
C LEU A 234 -22.71 -5.44 14.41
N THR A 235 -22.43 -4.70 15.49
CA THR A 235 -22.99 -5.01 16.81
C THR A 235 -24.52 -5.15 16.70
N HIS A 236 -25.18 -4.15 16.10
CA HIS A 236 -26.64 -4.16 15.92
C HIS A 236 -27.15 -5.32 15.03
N MET A 237 -26.41 -5.65 13.97
CA MET A 237 -26.75 -6.82 13.17
C MET A 237 -26.70 -8.09 14.01
N LEU A 238 -25.66 -8.26 14.84
CA LEU A 238 -25.49 -9.51 15.59
C LEU A 238 -26.36 -9.58 16.84
N ASN A 239 -26.61 -8.46 17.50
CA ASN A 239 -27.30 -8.40 18.81
C ASN A 239 -28.68 -7.78 18.81
N GLY A 240 -28.99 -6.93 17.84
CA GLY A 240 -30.17 -6.06 17.95
C GLY A 240 -31.47 -6.84 17.74
N LYS A 241 -32.53 -6.45 18.42
CA LYS A 241 -33.85 -7.09 18.19
C LYS A 241 -34.89 -6.11 17.66
N ASP A 242 -35.70 -6.56 16.73
CA ASP A 242 -36.73 -5.71 16.11
C ASP A 242 -37.76 -5.38 17.19
N PRO A 243 -37.98 -4.09 17.51
CA PRO A 243 -39.04 -3.79 18.49
C PRO A 243 -40.46 -4.27 18.13
N GLU A 244 -40.80 -4.45 16.84
CA GLU A 244 -42.10 -5.00 16.42
C GLU A 244 -42.17 -6.52 16.67
N THR A 245 -41.49 -7.33 15.87
CA THR A 245 -41.57 -8.80 15.96
C THR A 245 -40.80 -9.42 17.15
N GLY A 246 -40.02 -8.60 17.89
CA GLY A 246 -39.12 -9.13 18.94
C GLY A 246 -37.87 -9.93 18.53
N GLU A 247 -37.71 -10.21 17.23
CA GLU A 247 -36.68 -11.13 16.73
C GLU A 247 -35.38 -10.42 16.30
N PRO A 248 -34.26 -11.12 16.39
CA PRO A 248 -33.02 -10.61 15.82
C PRO A 248 -32.94 -11.06 14.37
N LEU A 249 -31.97 -10.56 13.61
CA LEU A 249 -31.81 -11.06 12.25
C LEU A 249 -31.23 -12.45 12.30
N ASP A 250 -31.57 -13.29 11.33
CA ASP A 250 -30.98 -14.60 11.30
C ASP A 250 -29.61 -14.55 10.59
N ASP A 251 -28.89 -15.65 10.63
CA ASP A 251 -27.50 -15.64 10.15
C ASP A 251 -27.41 -15.34 8.66
N GLU A 252 -28.33 -15.93 7.88
CA GLU A 252 -28.31 -15.74 6.43
C GLU A 252 -28.53 -14.25 6.04
N ASN A 253 -29.44 -13.58 6.74
CA ASN A 253 -29.74 -12.17 6.49
C ASN A 253 -28.58 -11.25 6.90
N ILE A 254 -27.99 -11.48 8.07
CA ILE A 254 -26.80 -10.79 8.50
C ILE A 254 -25.76 -10.73 7.39
N ARG A 255 -25.53 -11.84 6.74
CA ARG A 255 -24.50 -11.95 5.71
C ARG A 255 -24.88 -11.08 4.54
N TYR A 256 -26.13 -11.17 4.10
CA TYR A 256 -26.61 -10.28 3.07
C TYR A 256 -26.45 -8.80 3.42
N GLN A 257 -26.73 -8.46 4.67
CA GLN A 257 -26.65 -7.07 5.10
C GLN A 257 -25.18 -6.59 5.13
N ILE A 258 -24.26 -7.44 5.58
CA ILE A 258 -22.81 -7.06 5.54
C ILE A 258 -22.38 -6.71 4.07
N ILE A 259 -22.72 -7.58 3.12
CA ILE A 259 -22.48 -7.38 1.68
C ILE A 259 -23.12 -6.10 1.16
N THR A 260 -24.38 -5.94 1.53
CA THR A 260 -25.16 -4.78 1.17
C THR A 260 -24.49 -3.48 1.62
N PHE A 261 -24.13 -3.41 2.91
CA PHE A 261 -23.59 -2.16 3.48
C PHE A 261 -22.17 -1.88 3.00
N LEU A 262 -21.43 -2.94 2.63
CA LEU A 262 -20.06 -2.78 2.10
C LEU A 262 -20.09 -2.17 0.72
N ILE A 263 -21.07 -2.60 -0.08
CA ILE A 263 -21.23 -2.08 -1.44
C ILE A 263 -21.96 -0.71 -1.43
N ALA A 264 -23.22 -0.66 -0.98
CA ALA A 264 -23.97 0.60 -1.00
C ALA A 264 -23.34 1.61 -0.09
N GLY A 265 -22.65 1.14 0.96
CA GLY A 265 -21.97 2.04 1.86
C GLY A 265 -20.69 2.63 1.35
N HIS A 266 -20.30 2.32 0.11
CA HIS A 266 -19.13 2.97 -0.38
C HIS A 266 -19.07 3.33 -1.83
N GLU A 267 -19.62 2.54 -2.73
CA GLU A 267 -19.39 2.73 -4.17
C GLU A 267 -19.86 4.11 -4.68
N THR A 268 -21.06 4.49 -4.25
CA THR A 268 -21.73 5.65 -4.72
C THR A 268 -21.11 6.90 -4.05
N THR A 269 -20.48 6.77 -2.88
CA THR A 269 -19.82 7.88 -2.24
C THR A 269 -18.47 8.17 -2.90
N SER A 270 -17.78 7.11 -3.29
CA SER A 270 -16.60 7.23 -4.14
C SER A 270 -16.92 7.97 -5.45
N GLY A 271 -18.02 7.60 -6.10
CA GLY A 271 -18.49 8.31 -7.29
C GLY A 271 -18.70 9.77 -7.01
N LEU A 272 -19.41 10.07 -5.92
CA LEU A 272 -19.75 11.47 -5.57
C LEU A 272 -18.48 12.31 -5.41
N LEU A 273 -17.56 11.80 -4.59
CA LEU A 273 -16.32 12.49 -4.37
C LEU A 273 -15.55 12.71 -5.68
N SER A 274 -15.53 11.69 -6.54
CA SER A 274 -14.86 11.80 -7.83
C SER A 274 -15.47 12.89 -8.75
N PHE A 275 -16.79 12.84 -8.89
CA PHE A 275 -17.49 13.88 -9.65
C PHE A 275 -17.35 15.29 -9.05
N ALA A 276 -17.39 15.41 -7.72
CA ALA A 276 -17.25 16.71 -7.05
C ALA A 276 -15.88 17.30 -7.40
N LEU A 277 -14.86 16.47 -7.30
CA LEU A 277 -13.52 16.94 -7.62
C LEU A 277 -13.37 17.33 -9.12
N TYR A 278 -13.97 16.55 -10.01
CA TYR A 278 -13.98 16.89 -11.43
C TYR A 278 -14.61 18.27 -11.65
N PHE A 279 -15.80 18.49 -11.11
CA PHE A 279 -16.46 19.76 -11.28
C PHE A 279 -15.67 20.94 -10.68
N LEU A 280 -15.03 20.74 -9.53
CA LEU A 280 -14.27 21.77 -8.90
C LEU A 280 -13.10 22.19 -9.76
N VAL A 281 -12.33 21.22 -10.27
CA VAL A 281 -11.21 21.57 -11.15
C VAL A 281 -11.59 22.26 -12.47
N LYS A 282 -12.74 21.92 -13.04
CA LYS A 282 -13.27 22.56 -14.24
C LYS A 282 -13.95 23.90 -14.00
N ASN A 283 -14.23 24.24 -12.74
CA ASN A 283 -14.93 25.48 -12.36
C ASN A 283 -14.11 26.15 -11.24
N PRO A 284 -12.97 26.74 -11.65
CA PRO A 284 -11.95 27.31 -10.71
C PRO A 284 -12.45 28.38 -9.74
N HIS A 285 -13.45 29.17 -10.12
CA HIS A 285 -14.09 30.11 -9.18
C HIS A 285 -14.85 29.40 -8.09
N VAL A 286 -15.52 28.31 -8.43
CA VAL A 286 -16.22 27.54 -7.39
C VAL A 286 -15.16 26.84 -6.50
N LEU A 287 -14.13 26.27 -7.10
CA LEU A 287 -13.02 25.69 -6.31
C LEU A 287 -12.49 26.71 -5.29
N GLN A 288 -12.27 27.93 -5.73
CA GLN A 288 -11.76 28.99 -4.84
C GLN A 288 -12.73 29.33 -3.74
N LYS A 289 -14.00 29.50 -4.06
CA LYS A 289 -14.99 29.77 -3.04
C LYS A 289 -15.02 28.61 -2.04
N ALA A 290 -14.95 27.36 -2.53
CA ALA A 290 -14.94 26.19 -1.64
C ALA A 290 -13.67 26.14 -0.73
N ALA A 291 -12.52 26.40 -1.33
CA ALA A 291 -11.23 26.40 -0.58
C ALA A 291 -11.19 27.53 0.47
N GLU A 292 -11.75 28.68 0.14
CA GLU A 292 -11.84 29.74 1.17
C GLU A 292 -12.63 29.31 2.37
N GLU A 293 -13.77 28.65 2.13
CA GLU A 293 -14.60 28.18 3.24
C GLU A 293 -13.83 27.12 4.09
N ALA A 294 -13.26 26.13 3.43
CA ALA A 294 -12.40 25.14 4.12
C ALA A 294 -11.32 25.81 4.98
N ALA A 295 -10.61 26.79 4.46
CA ALA A 295 -9.52 27.44 5.19
C ALA A 295 -10.07 28.23 6.40
N ARG A 296 -11.22 28.87 6.26
CA ARG A 296 -11.82 29.63 7.37
C ARG A 296 -12.42 28.75 8.48
N VAL A 297 -12.97 27.60 8.12
CA VAL A 297 -13.65 26.74 9.09
C VAL A 297 -12.70 25.73 9.75
N LEU A 298 -11.87 25.09 8.95
CA LEU A 298 -11.01 24.00 9.42
C LEU A 298 -9.73 24.56 10.03
N VAL A 299 -9.89 25.13 11.22
CA VAL A 299 -8.83 25.89 11.88
C VAL A 299 -7.98 25.04 12.83
N ASP A 300 -8.34 23.78 13.06
CA ASP A 300 -7.54 22.86 13.88
C ASP A 300 -6.76 21.85 13.03
N PRO A 301 -5.80 21.14 13.63
CA PRO A 301 -5.01 20.23 12.81
C PRO A 301 -5.81 19.06 12.18
N VAL A 302 -6.87 18.63 12.86
CA VAL A 302 -7.90 17.76 12.26
C VAL A 302 -9.30 18.36 12.47
N PRO A 303 -10.23 18.04 11.55
CA PRO A 303 -11.59 18.55 11.70
C PRO A 303 -12.37 17.90 12.84
N SER A 304 -13.11 18.72 13.58
CA SER A 304 -14.14 18.26 14.53
C SER A 304 -15.49 18.02 13.82
N TYR A 305 -16.36 17.30 14.52
CA TYR A 305 -17.69 17.06 14.07
C TYR A 305 -18.43 18.36 13.83
N LYS A 306 -18.37 19.27 14.81
CA LYS A 306 -18.95 20.60 14.70
C LYS A 306 -18.46 21.35 13.48
N GLN A 307 -17.14 21.31 13.24
CA GLN A 307 -16.57 22.02 12.09
C GLN A 307 -17.06 21.50 10.73
N VAL A 308 -17.19 20.19 10.58
CA VAL A 308 -17.78 19.62 9.35
C VAL A 308 -19.21 20.14 9.12
N LYS A 309 -20.01 20.25 10.20
CA LYS A 309 -21.37 20.79 10.10
C LYS A 309 -21.40 22.28 9.72
N GLN A 310 -20.24 22.93 9.74
CA GLN A 310 -20.18 24.32 9.31
C GLN A 310 -19.82 24.50 7.83
N LEU A 311 -19.48 23.44 7.10
CA LEU A 311 -19.04 23.56 5.72
C LEU A 311 -20.25 23.62 4.76
N LYS A 312 -21.01 24.70 4.82
CA LYS A 312 -22.23 24.87 4.04
C LYS A 312 -21.96 24.85 2.54
N TYR A 313 -20.96 25.60 2.10
CA TYR A 313 -20.67 25.68 0.68
C TYR A 313 -20.19 24.33 0.15
N VAL A 314 -19.39 23.64 0.95
CA VAL A 314 -18.94 22.30 0.56
C VAL A 314 -20.13 21.38 0.34
N GLY A 315 -21.12 21.45 1.24
CA GLY A 315 -22.37 20.74 1.09
C GLY A 315 -23.13 21.08 -0.17
N MET A 316 -23.12 22.37 -0.52
CA MET A 316 -23.74 22.83 -1.77
C MET A 316 -23.02 22.27 -3.02
N VAL A 317 -21.68 22.22 -2.97
CA VAL A 317 -20.89 21.56 -3.99
C VAL A 317 -21.32 20.11 -4.17
N LEU A 318 -21.47 19.41 -3.07
CA LEU A 318 -21.81 17.99 -3.13
C LEU A 318 -23.23 17.80 -3.69
N ASN A 319 -24.17 18.65 -3.27
CA ASN A 319 -25.52 18.57 -3.80
C ASN A 319 -25.55 18.85 -5.30
N GLU A 320 -24.76 19.83 -5.77
CA GLU A 320 -24.74 20.10 -7.21
C GLU A 320 -24.06 19.00 -8.03
N ALA A 321 -23.05 18.33 -7.47
CA ALA A 321 -22.51 17.13 -8.07
C ALA A 321 -23.54 15.98 -8.17
N LEU A 322 -24.34 15.80 -7.10
CA LEU A 322 -25.45 14.85 -7.07
C LEU A 322 -26.59 15.24 -7.99
N ARG A 323 -26.84 16.54 -8.15
CA ARG A 323 -27.82 16.94 -9.17
C ARG A 323 -27.39 16.44 -10.56
N LEU A 324 -26.19 16.79 -11.00
CA LEU A 324 -25.72 16.43 -12.37
C LEU A 324 -25.45 14.95 -12.67
N TRP A 325 -24.79 14.25 -11.73
CA TRP A 325 -24.44 12.83 -11.86
C TRP A 325 -24.70 12.00 -10.58
N PRO A 326 -26.00 11.85 -10.19
CA PRO A 326 -26.38 11.05 -9.04
C PRO A 326 -25.87 9.63 -9.31
N THR A 327 -25.05 9.14 -8.39
CA THR A 327 -24.24 7.98 -8.66
C THR A 327 -25.00 6.65 -8.53
N ALA A 328 -26.21 6.62 -7.91
CA ALA A 328 -27.12 5.51 -8.11
C ALA A 328 -28.27 6.07 -8.95
N PRO A 329 -28.18 5.94 -10.30
CA PRO A 329 -28.88 6.92 -11.15
C PRO A 329 -30.30 6.61 -11.46
N ALA A 330 -30.82 5.52 -10.90
CA ALA A 330 -32.22 5.17 -11.09
C ALA A 330 -32.78 4.43 -9.90
N PHE A 331 -34.09 4.52 -9.75
CA PHE A 331 -34.88 3.61 -8.93
C PHE A 331 -36.23 3.26 -9.60
N SER A 332 -36.79 2.16 -9.13
CA SER A 332 -37.95 1.62 -9.76
C SER A 332 -39.13 1.52 -8.77
N LEU A 333 -40.34 1.64 -9.32
CA LEU A 333 -41.61 1.62 -8.63
C LEU A 333 -42.60 0.75 -9.37
N TYR A 334 -43.62 0.23 -8.64
CA TYR A 334 -44.73 -0.49 -9.26
C TYR A 334 -46.06 0.07 -8.80
N ALA A 335 -47.04 0.05 -9.69
CA ALA A 335 -48.37 0.57 -9.36
C ALA A 335 -49.07 -0.35 -8.37
N LYS A 336 -49.46 0.18 -7.21
CA LYS A 336 -50.26 -0.66 -6.25
C LYS A 336 -51.59 -1.19 -6.82
N GLU A 337 -52.25 -0.34 -7.61
CA GLU A 337 -53.57 -0.60 -8.20
C GLU A 337 -53.60 0.14 -9.56
N ASP A 338 -54.60 -0.20 -10.37
CA ASP A 338 -54.90 0.57 -11.57
C ASP A 338 -54.90 2.05 -11.18
N THR A 339 -54.20 2.88 -11.92
CA THR A 339 -54.19 4.32 -11.64
C THR A 339 -53.81 5.06 -12.92
N VAL A 340 -54.05 6.35 -12.98
CA VAL A 340 -53.68 7.15 -14.14
C VAL A 340 -52.58 8.10 -13.70
N LEU A 341 -51.49 8.11 -14.43
CA LEU A 341 -50.34 8.96 -14.12
C LEU A 341 -50.47 10.27 -14.87
N GLY A 342 -50.41 11.39 -14.16
CA GLY A 342 -50.42 12.71 -14.79
C GLY A 342 -51.70 13.08 -15.52
N GLY A 343 -52.81 12.43 -15.20
CA GLY A 343 -54.07 12.65 -15.95
C GLY A 343 -54.07 12.10 -17.38
N GLU A 344 -53.03 11.39 -17.80
CA GLU A 344 -52.79 11.09 -19.23
C GLU A 344 -52.39 9.66 -19.60
N TYR A 345 -51.71 8.97 -18.68
CA TYR A 345 -51.11 7.68 -18.93
C TYR A 345 -51.70 6.60 -17.99
N PRO A 346 -52.69 5.83 -18.49
CA PRO A 346 -53.28 4.80 -17.62
C PRO A 346 -52.29 3.71 -17.38
N LEU A 347 -52.25 3.25 -16.14
CA LEU A 347 -51.44 2.13 -15.71
C LEU A 347 -52.32 1.10 -15.08
N GLU A 348 -51.96 -0.16 -15.26
CA GLU A 348 -52.57 -1.30 -14.62
C GLU A 348 -51.76 -1.75 -13.40
N LYS A 349 -52.47 -2.29 -12.42
CA LYS A 349 -51.87 -2.81 -11.17
C LYS A 349 -50.67 -3.67 -11.50
N GLY A 350 -49.56 -3.40 -10.83
CA GLY A 350 -48.30 -4.08 -11.11
C GLY A 350 -47.40 -3.43 -12.15
N ASP A 351 -47.92 -2.49 -12.96
CA ASP A 351 -47.07 -1.83 -13.97
C ASP A 351 -45.85 -1.18 -13.34
N GLU A 352 -44.70 -1.26 -14.04
CA GLU A 352 -43.43 -0.79 -13.50
C GLU A 352 -43.01 0.56 -14.09
N LEU A 353 -42.41 1.39 -13.24
CA LEU A 353 -41.79 2.65 -13.61
C LEU A 353 -40.31 2.71 -13.23
N MET A 354 -39.52 3.43 -14.03
CA MET A 354 -38.09 3.70 -13.74
C MET A 354 -37.91 5.22 -13.65
N VAL A 355 -37.43 5.73 -12.53
CA VAL A 355 -37.14 7.15 -12.40
C VAL A 355 -35.70 7.35 -12.88
N LEU A 356 -35.54 8.17 -13.93
CA LEU A 356 -34.23 8.50 -14.50
C LEU A 356 -33.74 9.71 -13.81
N ILE A 357 -33.06 9.46 -12.70
CA ILE A 357 -32.68 10.56 -11.79
C ILE A 357 -31.84 11.68 -12.49
N PRO A 358 -30.86 11.33 -13.34
CA PRO A 358 -30.18 12.46 -13.97
C PRO A 358 -31.04 13.35 -14.89
N GLN A 359 -32.11 12.81 -15.46
CA GLN A 359 -33.02 13.59 -16.25
C GLN A 359 -33.93 14.41 -15.39
N LEU A 360 -34.45 13.83 -14.32
CA LEU A 360 -35.25 14.60 -13.36
C LEU A 360 -34.53 15.88 -12.98
N HIS A 361 -33.24 15.72 -12.72
CA HIS A 361 -32.36 16.80 -12.31
C HIS A 361 -31.98 17.82 -13.40
N ARG A 362 -32.41 17.57 -14.65
CA ARG A 362 -32.23 18.47 -15.78
C ARG A 362 -33.57 19.01 -16.25
N ASP A 363 -34.59 18.96 -15.40
CA ASP A 363 -35.94 19.37 -15.77
C ASP A 363 -35.95 20.87 -15.81
N LYS A 364 -36.10 21.44 -17.02
CA LYS A 364 -35.94 22.89 -17.21
C LYS A 364 -37.02 23.72 -16.53
N THR A 365 -38.16 23.12 -16.26
CA THR A 365 -39.22 23.84 -15.56
C THR A 365 -38.89 24.02 -14.07
N ILE A 366 -37.96 23.19 -13.56
CA ILE A 366 -37.54 23.28 -12.16
C ILE A 366 -36.29 24.12 -12.01
N TRP A 367 -35.28 23.81 -12.81
CA TRP A 367 -33.94 24.34 -12.60
C TRP A 367 -33.56 25.44 -13.58
N GLY A 368 -34.45 25.77 -14.53
CA GLY A 368 -34.16 26.81 -15.50
C GLY A 368 -33.42 26.32 -16.70
N ASP A 369 -33.02 27.23 -17.56
CA ASP A 369 -32.39 26.90 -18.85
C ASP A 369 -30.97 26.34 -18.86
N ASP A 370 -30.18 26.59 -17.84
CA ASP A 370 -28.76 26.27 -17.86
C ASP A 370 -28.42 25.03 -17.06
N VAL A 371 -29.14 23.94 -17.33
CA VAL A 371 -29.11 22.75 -16.48
C VAL A 371 -27.76 22.03 -16.47
N GLU A 372 -26.92 22.30 -17.46
CA GLU A 372 -25.60 21.70 -17.52
C GLU A 372 -24.55 22.47 -16.73
N GLU A 373 -24.81 23.73 -16.38
CA GLU A 373 -23.84 24.54 -15.61
C GLU A 373 -23.67 24.01 -14.19
N PHE A 374 -22.41 23.84 -13.73
CA PHE A 374 -22.12 23.54 -12.31
C PHE A 374 -22.27 24.80 -11.41
N ARG A 375 -23.41 24.95 -10.73
CA ARG A 375 -23.65 26.12 -9.84
C ARG A 375 -24.19 25.68 -8.49
N PRO A 376 -23.31 25.50 -7.50
CA PRO A 376 -23.79 25.08 -6.18
C PRO A 376 -24.79 26.08 -5.52
N GLU A 377 -24.83 27.31 -6.03
CA GLU A 377 -25.71 28.31 -5.48
C GLU A 377 -27.17 27.99 -5.75
N ARG A 378 -27.43 26.98 -6.57
CA ARG A 378 -28.77 26.46 -6.73
C ARG A 378 -29.32 25.99 -5.41
N PHE A 379 -28.44 25.66 -4.46
CA PHE A 379 -28.85 25.14 -3.18
C PHE A 379 -28.73 26.13 -2.01
N GLU A 380 -28.76 27.43 -2.32
CA GLU A 380 -28.83 28.51 -1.30
C GLU A 380 -30.01 28.38 -0.41
N ASN A 381 -31.16 28.03 -0.96
CA ASN A 381 -32.39 27.88 -0.15
C ASN A 381 -33.09 26.52 -0.43
N PRO A 382 -32.57 25.44 0.20
CA PRO A 382 -33.13 24.10 -0.03
C PRO A 382 -34.63 24.02 0.20
N SER A 383 -35.16 24.69 1.22
CA SER A 383 -36.62 24.68 1.45
C SER A 383 -37.45 25.27 0.28
N ALA A 384 -36.85 26.08 -0.57
CA ALA A 384 -37.52 26.63 -1.74
C ALA A 384 -37.56 25.66 -2.95
N ILE A 385 -36.72 24.61 -2.97
CA ILE A 385 -36.75 23.63 -4.07
C ILE A 385 -38.08 22.82 -4.08
N PRO A 386 -38.75 22.75 -5.23
CA PRO A 386 -40.03 21.97 -5.26
C PRO A 386 -39.92 20.55 -4.78
N GLN A 387 -41.02 20.03 -4.23
CA GLN A 387 -41.01 18.66 -3.69
C GLN A 387 -40.72 17.68 -4.80
N HIS A 388 -39.84 16.72 -4.50
CA HIS A 388 -39.53 15.62 -5.38
C HIS A 388 -38.79 16.04 -6.63
N ALA A 389 -38.17 17.20 -6.58
CA ALA A 389 -37.37 17.67 -7.68
C ALA A 389 -35.94 17.17 -7.60
N PHE A 390 -35.50 16.83 -6.39
CA PHE A 390 -34.07 16.48 -6.15
C PHE A 390 -34.05 15.18 -5.32
N LYS A 391 -33.80 14.05 -6.00
CA LYS A 391 -33.91 12.72 -5.46
C LYS A 391 -32.72 11.76 -5.65
N PRO A 392 -31.50 12.21 -5.40
CA PRO A 392 -30.34 11.31 -5.48
C PRO A 392 -30.31 10.17 -4.43
N PHE A 393 -31.11 10.30 -3.36
CA PHE A 393 -31.23 9.34 -2.28
C PHE A 393 -32.54 8.54 -2.28
N GLY A 394 -33.27 8.61 -3.37
CA GLY A 394 -34.49 7.78 -3.48
C GLY A 394 -35.65 8.41 -2.78
N ASN A 395 -36.61 7.60 -2.36
CA ASN A 395 -37.90 8.13 -1.92
C ASN A 395 -38.51 7.41 -0.74
N GLY A 396 -39.10 8.18 0.19
CA GLY A 396 -40.02 7.63 1.16
C GLY A 396 -39.41 6.65 2.14
N GLN A 397 -40.15 5.62 2.53
CA GLN A 397 -39.66 4.69 3.53
C GLN A 397 -38.51 3.88 2.96
N ARG A 398 -38.37 3.84 1.62
CA ARG A 398 -37.26 3.15 0.97
C ARG A 398 -36.13 4.08 0.53
N ALA A 399 -36.06 5.26 1.14
CA ALA A 399 -35.02 6.19 0.84
C ALA A 399 -33.70 5.69 1.46
N CYS A 400 -32.63 6.25 0.98
CA CYS A 400 -31.27 5.90 1.48
C CYS A 400 -31.15 6.02 3.01
N ILE A 401 -30.79 4.90 3.64
CA ILE A 401 -30.57 4.88 5.09
C ILE A 401 -29.22 5.53 5.52
N GLY A 402 -28.23 5.56 4.62
CA GLY A 402 -26.92 6.15 4.90
C GLY A 402 -26.65 7.55 4.38
N GLN A 403 -27.71 8.29 4.06
CA GLN A 403 -27.57 9.59 3.46
C GLN A 403 -26.76 10.57 4.33
N GLN A 404 -27.04 10.62 5.61
CA GLN A 404 -26.28 11.48 6.53
C GLN A 404 -24.81 11.05 6.71
N PHE A 405 -24.57 9.74 6.72
CA PHE A 405 -23.24 9.14 6.76
C PHE A 405 -22.42 9.57 5.52
N ALA A 406 -22.99 9.34 4.33
CA ALA A 406 -22.34 9.69 3.08
C ALA A 406 -22.05 11.21 2.95
N CYS A 407 -23.03 12.05 3.26
CA CYS A 407 -22.83 13.50 3.29
C CYS A 407 -21.79 14.00 4.27
N HIS A 408 -21.79 13.44 5.47
CA HIS A 408 -20.79 13.81 6.46
C HIS A 408 -19.39 13.39 6.01
N GLU A 409 -19.26 12.14 5.56
CA GLU A 409 -17.99 11.61 5.07
C GLU A 409 -17.44 12.44 3.96
N ALA A 410 -18.27 12.66 2.97
CA ALA A 410 -17.84 13.42 1.77
C ALA A 410 -17.53 14.86 2.07
N THR A 411 -18.29 15.46 3.00
CA THR A 411 -18.07 16.88 3.35
C THR A 411 -16.70 17.01 4.11
N LEU A 412 -16.46 16.13 5.08
CA LEU A 412 -15.18 16.06 5.82
C LEU A 412 -14.01 15.88 4.88
N VAL A 413 -14.08 14.88 3.98
CA VAL A 413 -12.95 14.58 3.07
C VAL A 413 -12.67 15.71 2.05
N LEU A 414 -13.73 16.16 1.36
CA LEU A 414 -13.62 17.26 0.45
C LEU A 414 -13.04 18.52 1.17
N GLY A 415 -13.50 18.80 2.40
CA GLY A 415 -13.01 19.95 3.19
C GLY A 415 -11.52 19.84 3.44
N MET A 416 -11.06 18.67 3.88
CA MET A 416 -9.63 18.43 4.08
C MET A 416 -8.80 18.50 2.78
N MET A 417 -9.32 17.93 1.70
CA MET A 417 -8.65 18.03 0.40
C MET A 417 -8.43 19.51 -0.01
N LEU A 418 -9.49 20.31 0.07
CA LEU A 418 -9.42 21.75 -0.23
C LEU A 418 -8.60 22.57 0.76
N LYS A 419 -8.56 22.18 2.03
CA LYS A 419 -7.64 22.84 2.96
C LYS A 419 -6.16 22.56 2.62
N HIS A 420 -5.84 21.34 2.20
CA HIS A 420 -4.44 20.86 2.15
C HIS A 420 -3.70 20.96 0.82
N PHE A 421 -4.44 21.12 -0.31
CA PHE A 421 -3.86 21.05 -1.63
C PHE A 421 -4.53 22.04 -2.57
N ASP A 422 -3.74 22.54 -3.53
CA ASP A 422 -4.22 23.10 -4.79
C ASP A 422 -4.16 21.98 -5.84
N PHE A 423 -5.11 22.02 -6.75
CA PHE A 423 -5.30 20.93 -7.69
C PHE A 423 -5.13 21.47 -9.09
N GLU A 424 -4.46 20.70 -9.93
CA GLU A 424 -4.29 21.01 -11.32
C GLU A 424 -4.86 19.87 -12.21
N ASP A 425 -5.72 20.22 -13.16
CA ASP A 425 -6.23 19.36 -14.23
C ASP A 425 -5.17 19.25 -15.33
N HIS A 426 -4.11 18.55 -15.00
CA HIS A 426 -2.90 18.58 -15.81
C HIS A 426 -3.03 17.97 -17.21
N THR A 427 -3.98 17.08 -17.46
CA THR A 427 -4.18 16.46 -18.79
C THR A 427 -5.33 17.11 -19.52
N ASN A 428 -5.96 18.12 -18.91
CA ASN A 428 -7.21 18.68 -19.44
C ASN A 428 -8.23 17.53 -19.74
N TYR A 429 -8.59 16.86 -18.66
CA TYR A 429 -9.34 15.62 -18.64
C TYR A 429 -10.72 15.79 -19.30
N GLU A 430 -11.03 14.88 -20.21
CA GLU A 430 -12.35 14.80 -20.83
C GLU A 430 -13.25 13.76 -20.12
N LEU A 431 -14.40 14.20 -19.63
CA LEU A 431 -15.29 13.34 -18.84
C LEU A 431 -15.68 12.07 -19.57
N ASP A 432 -15.35 10.95 -18.96
CA ASP A 432 -15.74 9.64 -19.42
C ASP A 432 -16.40 8.93 -18.23
N ILE A 433 -17.71 8.70 -18.31
CA ILE A 433 -18.49 8.14 -17.20
C ILE A 433 -18.63 6.65 -17.43
N LYS A 434 -17.92 5.89 -16.61
CA LYS A 434 -18.05 4.46 -16.52
C LYS A 434 -19.30 4.03 -15.76
N GLU A 435 -20.03 3.06 -16.33
CA GLU A 435 -21.25 2.54 -15.69
C GLU A 435 -21.07 1.13 -15.20
N THR A 436 -21.44 0.87 -13.95
CA THR A 436 -21.46 -0.46 -13.35
C THR A 436 -22.77 -0.53 -12.56
N LEU A 437 -23.89 -0.27 -13.25
CA LEU A 437 -25.14 0.19 -12.61
C LEU A 437 -24.95 1.65 -12.03
N THR A 438 -24.03 1.76 -11.08
CA THR A 438 -23.55 3.02 -10.58
C THR A 438 -22.65 3.75 -11.56
N LEU A 439 -22.46 5.07 -11.32
CA LEU A 439 -21.71 5.96 -12.18
C LEU A 439 -20.44 6.49 -11.53
N LYS A 440 -19.38 6.54 -12.32
CA LYS A 440 -18.10 7.08 -11.83
C LYS A 440 -17.28 7.66 -13.00
N PRO A 441 -16.56 8.77 -12.79
CA PRO A 441 -15.60 9.13 -13.85
C PRO A 441 -14.54 8.03 -13.97
N GLU A 442 -14.13 7.73 -15.18
CA GLU A 442 -13.07 6.76 -15.45
C GLU A 442 -11.91 7.55 -16.02
N GLY A 443 -10.71 7.23 -15.56
CA GLY A 443 -9.46 7.87 -16.04
C GLY A 443 -9.23 9.29 -15.55
N PHE A 444 -10.00 9.77 -14.57
CA PHE A 444 -9.82 11.11 -14.05
C PHE A 444 -8.57 11.14 -13.19
N VAL A 445 -7.61 11.99 -13.60
CA VAL A 445 -6.31 12.15 -12.91
C VAL A 445 -6.11 13.63 -12.65
N VAL A 446 -5.46 13.98 -11.56
CA VAL A 446 -5.05 15.38 -11.30
C VAL A 446 -3.68 15.38 -10.63
N LYS A 447 -3.08 16.56 -10.52
CA LYS A 447 -1.88 16.75 -9.70
C LYS A 447 -2.29 17.60 -8.54
N ALA A 448 -1.75 17.27 -7.37
CA ALA A 448 -1.99 18.07 -6.17
C ALA A 448 -0.71 18.77 -5.76
N LYS A 449 -0.75 20.05 -5.46
CA LYS A 449 0.40 20.76 -4.90
C LYS A 449 0.09 21.04 -3.44
N SER A 450 0.90 20.51 -2.56
CA SER A 450 0.66 20.66 -1.14
C SER A 450 0.76 22.12 -0.71
N LYS A 451 -0.24 22.58 0.03
CA LYS A 451 -0.15 23.86 0.73
C LYS A 451 0.72 23.80 1.99
N LYS A 452 1.21 22.61 2.34
CA LYS A 452 2.14 22.38 3.42
C LYS A 452 1.59 22.77 4.79
N ILE A 453 0.31 22.48 5.01
CA ILE A 453 -0.32 22.73 6.29
C ILE A 453 -0.26 21.43 7.13
N PRO A 454 0.40 21.49 8.31
CA PRO A 454 0.55 20.34 9.20
C PRO A 454 -0.78 19.68 9.56
N LEU A 455 -0.77 18.37 9.60
CA LEU A 455 -1.94 17.57 9.85
C LEU A 455 -1.83 17.01 11.27
N GLY A 456 -2.95 16.59 11.88
CA GLY A 456 -2.97 16.11 13.29
C GLY A 456 -3.32 14.64 13.48
N GLY A 457 -3.06 14.09 14.68
CA GLY A 457 -3.49 12.73 15.02
C GLY A 457 -5.01 12.59 15.13
N THR B 1 55.59 -23.39 12.53
CA THR B 1 56.34 -24.02 11.38
C THR B 1 55.45 -23.97 10.11
N ILE B 2 56.03 -24.12 8.92
CA ILE B 2 55.27 -23.91 7.68
C ILE B 2 54.38 -25.10 7.28
N LYS B 3 53.05 -24.88 7.15
CA LYS B 3 52.07 -25.93 6.81
C LYS B 3 51.40 -25.77 5.43
N GLU B 4 50.78 -26.85 5.02
CA GLU B 4 50.00 -26.93 3.79
C GLU B 4 48.53 -26.87 4.20
N MET B 5 47.73 -26.08 3.50
CA MET B 5 46.35 -25.90 3.95
C MET B 5 45.48 -26.96 3.30
N PRO B 6 44.39 -27.34 3.96
CA PRO B 6 43.53 -28.29 3.27
C PRO B 6 42.70 -27.65 2.14
N GLN B 7 42.07 -28.50 1.34
CA GLN B 7 41.23 -28.07 0.26
C GLN B 7 40.12 -29.11 0.12
N PRO B 8 38.88 -28.66 -0.07
CA PRO B 8 37.82 -29.64 -0.30
C PRO B 8 37.91 -30.29 -1.68
N LYS B 9 36.98 -31.22 -1.93
CA LYS B 9 36.96 -32.01 -3.17
C LYS B 9 37.04 -31.21 -4.49
N THR B 10 37.97 -31.63 -5.34
CA THR B 10 38.15 -31.00 -6.67
C THR B 10 37.66 -31.92 -7.77
N PHE B 11 37.34 -31.34 -8.93
CA PHE B 11 36.68 -32.03 -10.03
C PHE B 11 37.42 -31.77 -11.35
N GLY B 12 38.66 -32.27 -11.44
CA GLY B 12 39.52 -32.02 -12.59
C GLY B 12 39.72 -30.55 -12.86
N GLU B 13 39.61 -30.16 -14.12
CA GLU B 13 39.91 -28.79 -14.52
C GLU B 13 38.88 -27.78 -13.93
N LEU B 14 37.71 -28.25 -13.47
CA LEU B 14 36.77 -27.36 -12.83
C LEU B 14 37.11 -27.09 -11.35
N LYS B 15 38.08 -27.81 -10.80
CA LYS B 15 38.54 -27.54 -9.45
C LYS B 15 37.35 -27.69 -8.48
N ASN B 16 37.13 -26.72 -7.56
CA ASN B 16 36.07 -26.80 -6.55
C ASN B 16 34.70 -26.29 -7.01
N LEU B 17 34.61 -25.80 -8.24
CA LEU B 17 33.39 -25.19 -8.75
C LEU B 17 32.13 -26.06 -8.59
N PRO B 18 32.20 -27.38 -8.90
CA PRO B 18 31.01 -28.23 -8.81
C PRO B 18 30.60 -28.58 -7.41
N LEU B 19 31.45 -28.24 -6.47
CA LEU B 19 31.25 -28.58 -5.07
C LEU B 19 30.03 -27.93 -4.49
N LEU B 20 29.82 -26.66 -4.84
CA LEU B 20 28.75 -25.93 -4.24
C LEU B 20 27.39 -26.45 -4.74
N ASN B 21 27.07 -26.16 -5.99
CA ASN B 21 25.85 -26.65 -6.58
C ASN B 21 24.58 -26.38 -5.71
N THR B 22 24.33 -25.11 -5.43
CA THR B 22 23.39 -24.75 -4.38
C THR B 22 23.06 -23.27 -4.46
N ASP B 23 21.84 -22.95 -4.09
CA ASP B 23 21.46 -21.56 -3.87
C ASP B 23 21.79 -21.07 -2.45
N LYS B 24 22.47 -21.89 -1.66
CA LYS B 24 22.95 -21.53 -0.36
C LYS B 24 24.47 -21.70 -0.17
N PRO B 25 25.26 -21.01 -1.01
CA PRO B 25 26.73 -21.24 -1.02
C PRO B 25 27.49 -20.85 0.24
N VAL B 26 27.09 -19.74 0.90
CA VAL B 26 27.78 -19.30 2.12
C VAL B 26 27.56 -20.32 3.25
N GLN B 27 26.30 -20.77 3.39
CA GLN B 27 25.97 -21.83 4.31
C GLN B 27 26.76 -23.13 4.05
N ALA B 28 26.94 -23.47 2.77
CA ALA B 28 27.78 -24.57 2.41
C ALA B 28 29.23 -24.34 2.88
N LEU B 29 29.77 -23.15 2.61
CA LEU B 29 31.18 -22.89 2.91
C LEU B 29 31.44 -22.88 4.41
N MET B 30 30.44 -22.47 5.17
CA MET B 30 30.49 -22.56 6.65
C MET B 30 30.65 -24.04 7.09
N LYS B 31 29.93 -24.96 6.42
CA LYS B 31 30.10 -26.40 6.68
C LYS B 31 31.47 -26.93 6.32
N ILE B 32 32.02 -26.50 5.17
CA ILE B 32 33.39 -26.86 4.83
C ILE B 32 34.35 -26.36 5.91
N ALA B 33 34.22 -25.10 6.33
CA ALA B 33 35.11 -24.56 7.39
C ALA B 33 34.97 -25.37 8.70
N ASP B 34 33.77 -25.83 9.04
CA ASP B 34 33.59 -26.68 10.22
C ASP B 34 34.48 -27.90 10.08
N GLU B 35 34.41 -28.60 8.95
CA GLU B 35 35.27 -29.78 8.64
C GLU B 35 36.77 -29.48 8.59
N LEU B 36 37.18 -28.42 7.89
CA LEU B 36 38.58 -28.25 7.52
C LEU B 36 39.34 -27.29 8.41
N GLY B 37 38.64 -26.45 9.16
CA GLY B 37 39.28 -25.58 10.18
C GLY B 37 39.43 -24.13 9.76
N GLU B 38 40.42 -23.47 10.37
CA GLU B 38 40.58 -22.02 10.28
C GLU B 38 40.97 -21.46 8.89
N ILE B 39 41.48 -22.31 8.00
CA ILE B 39 41.89 -21.95 6.65
C ILE B 39 41.74 -23.08 5.61
N PHE B 40 41.12 -22.76 4.48
CA PHE B 40 41.16 -23.69 3.37
C PHE B 40 41.27 -23.04 1.99
N LYS B 41 41.85 -23.75 1.05
CA LYS B 41 41.97 -23.25 -0.31
C LYS B 41 40.68 -23.54 -1.07
N PHE B 42 40.29 -22.61 -1.93
CA PHE B 42 39.13 -22.79 -2.81
C PHE B 42 39.48 -22.29 -4.17
N GLU B 43 39.34 -23.14 -5.17
CA GLU B 43 39.70 -22.82 -6.55
C GLU B 43 38.56 -23.02 -7.52
N ALA B 44 38.58 -22.23 -8.57
CA ALA B 44 37.68 -22.36 -9.68
C ALA B 44 38.49 -21.97 -10.94
N PRO B 45 38.00 -22.29 -12.17
CA PRO B 45 38.74 -21.87 -13.39
C PRO B 45 39.27 -20.43 -13.31
N GLY B 46 40.59 -20.29 -13.41
CA GLY B 46 41.25 -19.00 -13.35
C GLY B 46 41.31 -18.24 -12.06
N ARG B 47 40.91 -18.84 -10.92
CA ARG B 47 41.03 -18.11 -9.62
C ARG B 47 41.24 -19.02 -8.43
N VAL B 48 41.94 -18.46 -7.44
CA VAL B 48 42.29 -19.10 -6.18
C VAL B 48 42.02 -18.12 -5.06
N THR B 49 41.38 -18.58 -4.00
CA THR B 49 41.37 -17.80 -2.76
C THR B 49 41.45 -18.73 -1.56
N ARG B 50 41.64 -18.13 -0.39
CA ARG B 50 41.81 -18.89 0.85
C ARG B 50 40.80 -18.41 1.90
N TYR B 51 39.89 -19.28 2.32
CA TYR B 51 38.83 -18.98 3.26
C TYR B 51 39.32 -19.02 4.72
N LEU B 52 39.31 -17.86 5.39
CA LEU B 52 39.73 -17.70 6.76
C LEU B 52 38.55 -17.69 7.71
N SER B 53 38.70 -18.43 8.82
CA SER B 53 37.65 -18.54 9.81
C SER B 53 38.01 -18.23 11.26
N SER B 54 39.26 -17.96 11.58
CA SER B 54 39.64 -17.83 13.00
C SER B 54 40.07 -16.40 13.23
N GLN B 55 39.79 -15.90 14.43
CA GLN B 55 40.33 -14.58 14.84
C GLN B 55 41.85 -14.52 14.72
N ARG B 56 42.58 -15.59 15.06
CA ARG B 56 44.05 -15.45 15.00
C ARG B 56 44.60 -15.16 13.58
N LEU B 57 44.03 -15.75 12.52
CA LEU B 57 44.46 -15.39 11.17
C LEU B 57 43.79 -14.11 10.69
N ILE B 58 42.53 -13.87 11.06
CA ILE B 58 41.82 -12.70 10.48
C ILE B 58 42.36 -11.40 11.07
N LYS B 59 42.89 -11.47 12.29
CA LYS B 59 43.48 -10.26 12.90
C LYS B 59 44.70 -9.88 12.10
N GLU B 60 45.41 -10.84 11.50
CA GLU B 60 46.52 -10.47 10.60
C GLU B 60 46.04 -9.99 9.22
N ALA B 61 45.03 -10.64 8.68
CA ALA B 61 44.39 -10.17 7.44
C ALA B 61 43.89 -8.71 7.48
N CYS B 62 43.53 -8.25 8.67
CA CYS B 62 42.98 -6.92 8.94
C CYS B 62 44.06 -5.86 9.14
N ASP B 63 45.32 -6.27 9.13
CA ASP B 63 46.45 -5.34 9.18
C ASP B 63 46.61 -4.69 7.79
N GLU B 64 46.23 -3.41 7.74
CA GLU B 64 46.20 -2.68 6.49
C GLU B 64 47.61 -2.34 5.92
N SER B 65 48.67 -2.47 6.72
CA SER B 65 50.05 -2.40 6.18
C SER B 65 50.46 -3.66 5.35
N ARG B 66 49.74 -4.77 5.54
CA ARG B 66 50.02 -6.03 4.85
C ARG B 66 48.99 -6.49 3.82
N PHE B 67 47.73 -6.04 3.94
CA PHE B 67 46.65 -6.49 3.03
C PHE B 67 45.73 -5.31 2.73
N ASP B 68 45.28 -5.22 1.49
CA ASP B 68 44.26 -4.26 1.08
C ASP B 68 42.98 -5.00 0.63
N LYS B 69 41.87 -4.28 0.49
CA LYS B 69 40.60 -4.80 0.02
C LYS B 69 40.79 -5.33 -1.40
N ASN B 70 40.35 -6.57 -1.59
CA ASN B 70 40.27 -7.21 -2.85
C ASN B 70 38.82 -7.24 -3.31
N LEU B 71 38.64 -7.15 -4.62
CA LEU B 71 37.34 -7.44 -5.23
C LEU B 71 37.26 -8.96 -5.40
N SER B 72 36.49 -9.62 -4.52
CA SER B 72 36.20 -11.04 -4.69
C SER B 72 35.56 -11.19 -6.06
N GLN B 73 35.51 -12.45 -6.50
CA GLN B 73 34.79 -12.72 -7.76
C GLN B 73 33.31 -12.25 -7.66
N ALA B 74 32.69 -12.45 -6.51
CA ALA B 74 31.36 -11.91 -6.30
C ALA B 74 31.29 -10.41 -6.62
N LEU B 75 32.23 -9.63 -6.06
CA LEU B 75 32.16 -8.22 -6.26
C LEU B 75 32.46 -7.81 -7.69
N LYS B 76 33.34 -8.56 -8.35
CA LYS B 76 33.61 -8.38 -9.77
C LYS B 76 32.38 -8.56 -10.60
N PHE B 77 31.52 -9.49 -10.24
CA PHE B 77 30.22 -9.61 -10.95
C PHE B 77 29.26 -8.49 -10.60
N VAL B 78 29.25 -8.04 -9.32
CA VAL B 78 28.45 -6.89 -8.90
C VAL B 78 28.85 -5.63 -9.59
N ARG B 79 30.16 -5.46 -9.75
CA ARG B 79 30.70 -4.37 -10.55
C ARG B 79 30.11 -4.21 -11.98
N ASP B 80 29.64 -5.29 -12.57
CA ASP B 80 28.90 -5.16 -13.85
C ASP B 80 27.70 -4.23 -13.78
N PHE B 81 27.10 -4.03 -12.57
CA PHE B 81 26.06 -2.98 -12.43
C PHE B 81 26.39 -1.80 -11.54
N ALA B 82 27.32 -1.99 -10.61
CA ALA B 82 27.63 -0.97 -9.62
C ALA B 82 28.92 -0.25 -9.97
N GLY B 83 29.60 -0.70 -11.03
CA GLY B 83 30.77 -0.01 -11.54
C GLY B 83 31.90 0.24 -10.55
N ASP B 84 32.45 1.46 -10.61
CA ASP B 84 33.44 1.90 -9.67
C ASP B 84 32.84 2.81 -8.56
N GLY B 85 31.60 2.50 -8.14
CA GLY B 85 31.06 2.93 -6.84
C GLY B 85 31.91 2.55 -5.66
N LEU B 86 31.60 3.12 -4.49
CA LEU B 86 32.44 2.87 -3.32
C LEU B 86 32.64 1.39 -2.96
N PHE B 87 31.60 0.58 -3.10
CA PHE B 87 31.60 -0.80 -2.64
C PHE B 87 32.50 -1.67 -3.59
N THR B 88 32.50 -1.34 -4.87
CA THR B 88 33.13 -2.20 -5.91
C THR B 88 34.35 -1.56 -6.59
N SER B 89 34.94 -0.56 -5.97
CA SER B 89 36.17 0.03 -6.45
C SER B 89 37.37 -0.49 -5.67
N TRP B 90 38.52 -0.51 -6.35
CA TRP B 90 39.80 -0.77 -5.71
C TRP B 90 40.23 0.45 -4.92
N THR B 91 40.93 0.22 -3.83
CA THR B 91 41.36 1.30 -2.97
C THR B 91 42.25 2.32 -3.70
N HIS B 92 43.02 1.83 -4.69
CA HIS B 92 43.93 2.67 -5.50
C HIS B 92 43.30 3.34 -6.71
N GLU B 93 42.02 3.11 -6.99
CA GLU B 93 41.33 3.77 -8.10
C GLU B 93 41.03 5.17 -7.67
N LYS B 94 41.24 6.09 -8.59
CA LYS B 94 41.02 7.49 -8.33
C LYS B 94 39.57 7.69 -7.88
N ASN B 95 38.61 7.00 -8.52
CA ASN B 95 37.22 7.18 -8.06
C ASN B 95 36.83 6.73 -6.65
N TRP B 96 37.59 5.80 -6.07
CA TRP B 96 37.34 5.42 -4.69
C TRP B 96 37.66 6.62 -3.78
N LYS B 97 38.89 7.15 -3.91
CA LYS B 97 39.33 8.24 -3.04
C LYS B 97 38.47 9.47 -3.23
N LYS B 98 38.15 9.83 -4.46
CA LYS B 98 37.32 11.00 -4.72
C LYS B 98 35.93 10.88 -4.04
N ALA B 99 35.18 9.78 -4.34
CA ALA B 99 33.89 9.58 -3.75
C ALA B 99 33.98 9.43 -2.24
N HIS B 100 34.99 8.72 -1.75
CA HIS B 100 35.16 8.63 -0.30
C HIS B 100 35.22 10.04 0.35
N ASN B 101 36.10 10.91 -0.15
CA ASN B 101 36.25 12.28 0.41
C ASN B 101 35.02 13.14 0.23
N ILE B 102 34.31 13.00 -0.88
CA ILE B 102 33.10 13.74 -1.19
C ILE B 102 31.83 13.29 -0.43
N LEU B 103 31.74 12.01 -0.07
CA LEU B 103 30.50 11.49 0.54
C LEU B 103 30.59 11.27 2.02
N LEU B 104 31.80 11.09 2.54
CA LEU B 104 32.00 10.90 3.95
C LEU B 104 31.38 11.98 4.87
N PRO B 105 31.23 13.24 4.41
CA PRO B 105 30.48 14.26 5.18
C PRO B 105 28.98 13.95 5.42
N SER B 106 28.39 13.21 4.49
CA SER B 106 27.02 12.72 4.63
C SER B 106 26.81 11.69 5.79
N PHE B 107 27.88 11.19 6.38
CA PHE B 107 27.86 10.32 7.55
C PHE B 107 28.52 11.08 8.80
N SER B 108 28.67 12.41 8.71
CA SER B 108 28.98 13.25 9.92
C SER B 108 27.88 13.24 10.97
N GLN B 109 28.32 13.49 12.21
CA GLN B 109 27.42 13.64 13.39
C GLN B 109 26.27 14.60 13.10
N GLN B 110 26.60 15.78 12.60
CA GLN B 110 25.56 16.78 12.23
C GLN B 110 24.63 16.26 11.13
N ALA B 111 25.19 15.51 10.16
CA ALA B 111 24.35 14.77 9.18
C ALA B 111 23.39 13.69 9.80
N MET B 112 23.92 12.85 10.67
CA MET B 112 23.12 11.88 11.41
C MET B 112 21.95 12.44 12.27
N LYS B 113 22.22 13.55 12.98
CA LYS B 113 21.19 14.30 13.68
C LYS B 113 20.14 14.80 12.71
N GLY B 114 20.55 15.20 11.53
CA GLY B 114 19.64 15.68 10.53
C GLY B 114 18.79 14.57 9.97
N TYR B 115 19.33 13.34 9.87
CA TYR B 115 18.54 12.19 9.33
C TYR B 115 17.42 11.69 10.27
N HIS B 116 17.59 11.92 11.57
CA HIS B 116 16.70 11.34 12.58
C HIS B 116 15.20 11.55 12.28
N ALA B 117 14.83 12.77 11.97
CA ALA B 117 13.42 13.09 11.70
C ALA B 117 12.86 12.31 10.53
N MET B 118 13.65 12.11 9.48
CA MET B 118 13.22 11.31 8.32
C MET B 118 13.19 9.83 8.60
N MET B 119 14.11 9.34 9.42
CA MET B 119 14.03 7.94 9.85
C MET B 119 12.73 7.72 10.67
N VAL B 120 12.38 8.70 11.54
CA VAL B 120 11.19 8.57 12.37
C VAL B 120 9.97 8.52 11.41
N ASP B 121 9.96 9.35 10.36
CA ASP B 121 8.82 9.38 9.38
C ASP B 121 8.58 7.97 8.83
N ILE B 122 9.64 7.30 8.39
CA ILE B 122 9.44 5.93 7.86
C ILE B 122 9.08 4.92 8.93
N ALA B 123 9.71 5.02 10.09
CA ALA B 123 9.41 4.06 11.16
C ALA B 123 7.96 4.16 11.67
N VAL B 124 7.46 5.39 11.75
CA VAL B 124 6.05 5.66 12.10
C VAL B 124 5.14 4.99 11.07
N GLN B 125 5.50 5.03 9.79
CA GLN B 125 4.74 4.31 8.75
C GLN B 125 4.72 2.81 8.97
N LEU B 126 5.86 2.25 9.40
CA LEU B 126 5.91 0.82 9.77
C LEU B 126 4.96 0.48 10.93
N VAL B 127 5.10 1.22 12.04
CA VAL B 127 4.30 0.97 13.20
C VAL B 127 2.81 1.12 12.84
N GLN B 128 2.49 2.17 12.08
CA GLN B 128 1.08 2.41 11.68
C GLN B 128 0.54 1.23 10.91
N LYS B 129 1.37 0.66 10.02
CA LYS B 129 0.93 -0.48 9.26
C LYS B 129 0.53 -1.60 10.22
N TRP B 130 1.40 -1.89 11.17
CA TRP B 130 1.18 -3.04 12.03
C TRP B 130 -0.01 -2.81 12.98
N GLU B 131 -0.18 -1.57 13.44
CA GLU B 131 -1.36 -1.20 14.23
C GLU B 131 -2.69 -1.44 13.48
N ARG B 132 -2.65 -1.36 12.15
CA ARG B 132 -3.85 -1.40 11.34
C ARG B 132 -4.22 -2.77 10.85
N LEU B 133 -3.40 -3.79 11.17
CA LEU B 133 -3.71 -5.17 10.76
C LEU B 133 -4.87 -5.71 11.56
N ASN B 134 -5.71 -6.50 10.91
CA ASN B 134 -6.82 -7.20 11.61
C ASN B 134 -6.32 -8.43 12.38
N ALA B 135 -7.19 -8.93 13.27
CA ALA B 135 -6.85 -10.07 14.20
C ALA B 135 -6.42 -11.32 13.46
N ASP B 136 -7.03 -11.59 12.32
CA ASP B 136 -6.71 -12.79 11.50
C ASP B 136 -5.45 -12.72 10.61
N GLU B 137 -4.78 -11.56 10.54
CA GLU B 137 -3.66 -11.34 9.63
C GLU B 137 -2.35 -11.56 10.38
N HIS B 138 -1.25 -11.55 9.64
CA HIS B 138 0.09 -11.69 10.20
C HIS B 138 1.05 -10.77 9.47
N ILE B 139 2.31 -10.69 9.91
CA ILE B 139 3.30 -9.79 9.38
C ILE B 139 4.28 -10.60 8.59
N GLU B 140 4.60 -10.16 7.36
CA GLU B 140 5.67 -10.80 6.58
C GLU B 140 6.97 -10.04 6.85
N VAL B 141 7.83 -10.59 7.70
CA VAL B 141 8.91 -9.78 8.29
C VAL B 141 9.94 -9.21 7.30
N PRO B 142 10.62 -10.06 6.55
CA PRO B 142 11.62 -9.45 5.68
C PRO B 142 11.03 -8.54 4.63
N GLU B 143 9.79 -8.79 4.23
CA GLU B 143 9.09 -7.96 3.26
C GLU B 143 8.89 -6.54 3.83
N ASP B 144 8.46 -6.44 5.11
CA ASP B 144 8.21 -5.15 5.71
C ASP B 144 9.52 -4.48 6.12
N MET B 145 10.52 -5.26 6.51
CA MET B 145 11.83 -4.66 6.78
C MET B 145 12.44 -3.99 5.56
N THR B 146 12.26 -4.62 4.42
CA THR B 146 12.72 -4.08 3.14
C THR B 146 11.96 -2.82 2.76
N ARG B 147 10.64 -2.83 2.91
CA ARG B 147 9.88 -1.60 2.73
C ARG B 147 10.43 -0.46 3.60
N LEU B 148 10.75 -0.75 4.85
CA LEU B 148 11.25 0.28 5.80
C LEU B 148 12.67 0.77 5.42
N THR B 149 13.56 -0.17 5.25
CA THR B 149 14.96 0.21 4.95
C THR B 149 15.14 0.92 3.60
N LEU B 150 14.47 0.44 2.56
CA LEU B 150 14.54 1.12 1.24
C LEU B 150 14.02 2.55 1.32
N ASP B 151 12.85 2.70 1.94
CA ASP B 151 12.26 4.01 2.10
C ASP B 151 13.14 4.96 2.90
N THR B 152 13.88 4.44 3.86
CA THR B 152 14.69 5.28 4.73
C THR B 152 15.90 5.82 3.95
N ILE B 153 16.60 4.94 3.20
CA ILE B 153 17.74 5.41 2.40
C ILE B 153 17.22 6.37 1.30
N GLY B 154 16.13 6.02 0.63
CA GLY B 154 15.53 6.89 -0.39
C GLY B 154 15.29 8.29 0.10
N LEU B 155 14.71 8.44 1.30
CA LEU B 155 14.36 9.76 1.85
C LEU B 155 15.56 10.49 2.38
N CYS B 156 16.33 9.84 3.22
CA CYS B 156 17.47 10.46 3.87
C CYS B 156 18.56 10.77 2.88
N GLY B 157 18.83 9.83 1.99
CA GLY B 157 19.87 9.95 0.97
C GLY B 157 19.57 10.83 -0.21
N PHE B 158 18.33 10.78 -0.70
CA PHE B 158 17.98 11.35 -2.00
C PHE B 158 16.70 12.20 -1.99
N ASN B 159 16.07 12.38 -0.83
CA ASN B 159 14.76 13.03 -0.74
C ASN B 159 13.70 12.50 -1.71
N TYR B 160 13.71 11.19 -1.89
CA TYR B 160 12.85 10.53 -2.82
C TYR B 160 11.97 9.51 -2.01
N ARG B 161 10.68 9.52 -2.26
CA ARG B 161 9.75 8.62 -1.55
C ARG B 161 9.44 7.42 -2.42
N PHE B 162 10.00 6.27 -2.04
CA PHE B 162 9.65 5.02 -2.71
C PHE B 162 8.17 4.61 -2.44
N ASN B 163 7.63 5.10 -1.32
CA ASN B 163 6.28 4.80 -0.91
C ASN B 163 6.01 3.30 -0.88
N SER B 164 6.95 2.59 -0.27
CA SER B 164 6.87 1.11 -0.25
C SER B 164 5.67 0.60 0.56
N PHE B 165 5.26 1.38 1.56
CA PHE B 165 4.13 0.99 2.38
C PHE B 165 2.79 1.24 1.70
N TYR B 166 2.78 1.86 0.54
CA TYR B 166 1.58 2.03 -0.30
C TYR B 166 1.53 1.01 -1.41
N ARG B 167 2.28 -0.08 -1.28
CA ARG B 167 2.39 -1.09 -2.35
C ARG B 167 2.23 -2.49 -1.80
N ASP B 168 1.59 -3.34 -2.62
CA ASP B 168 1.31 -4.77 -2.37
C ASP B 168 2.52 -5.60 -2.64
N GLN B 169 3.11 -5.32 -3.81
CA GLN B 169 4.25 -6.05 -4.35
C GLN B 169 5.48 -5.21 -4.08
N PRO B 170 6.68 -5.83 -4.11
CA PRO B 170 7.84 -4.97 -3.96
C PRO B 170 7.99 -3.97 -5.10
N HIS B 171 8.66 -2.87 -4.81
CA HIS B 171 8.95 -1.87 -5.82
C HIS B 171 9.77 -2.60 -6.94
N PRO B 172 9.64 -2.19 -8.24
CA PRO B 172 10.40 -2.90 -9.30
C PRO B 172 11.92 -2.81 -9.19
N PHE B 173 12.46 -1.74 -8.63
CA PHE B 173 13.88 -1.67 -8.24
C PHE B 173 14.29 -2.85 -7.39
N ILE B 174 13.47 -3.25 -6.41
CA ILE B 174 13.78 -4.39 -5.54
C ILE B 174 13.81 -5.69 -6.34
N THR B 175 12.77 -5.91 -7.15
CA THR B 175 12.64 -7.13 -7.93
C THR B 175 13.83 -7.29 -8.85
N SER B 176 14.17 -6.23 -9.55
CA SER B 176 15.36 -6.23 -10.40
C SER B 176 16.73 -6.35 -9.62
N MET B 177 16.85 -5.68 -8.48
CA MET B 177 18.09 -5.80 -7.64
C MET B 177 18.27 -7.25 -7.20
N VAL B 178 17.20 -7.86 -6.72
CA VAL B 178 17.27 -9.26 -6.25
C VAL B 178 17.71 -10.19 -7.43
N ARG B 179 17.15 -9.98 -8.61
CA ARG B 179 17.50 -10.87 -9.72
C ARG B 179 18.94 -10.68 -10.11
N ALA B 180 19.38 -9.42 -10.13
CA ALA B 180 20.80 -9.06 -10.38
C ALA B 180 21.74 -9.66 -9.34
N LEU B 181 21.42 -9.55 -8.06
CA LEU B 181 22.28 -10.16 -7.04
C LEU B 181 22.30 -11.69 -7.19
N ASP B 182 21.13 -12.24 -7.50
CA ASP B 182 21.01 -13.68 -7.68
C ASP B 182 21.85 -14.16 -8.87
N GLU B 183 21.83 -13.40 -9.99
CA GLU B 183 22.67 -13.67 -11.18
C GLU B 183 24.17 -13.63 -10.82
N ALA B 184 24.60 -12.67 -10.01
CA ALA B 184 26.00 -12.58 -9.60
C ALA B 184 26.41 -13.81 -8.84
N MET B 185 25.57 -14.21 -7.91
CA MET B 185 25.83 -15.39 -7.11
C MET B 185 25.88 -16.61 -8.00
N ASN B 186 24.91 -16.78 -8.89
CA ASN B 186 24.88 -18.00 -9.76
C ASN B 186 26.06 -18.07 -10.70
N LYS B 187 26.53 -16.92 -11.21
CA LYS B 187 27.69 -16.88 -12.13
C LYS B 187 28.91 -17.48 -11.48
N LEU B 188 29.02 -17.38 -10.17
CA LEU B 188 30.14 -17.96 -9.46
C LEU B 188 30.27 -19.47 -9.60
N GLN B 189 29.14 -20.16 -9.78
CA GLN B 189 29.07 -21.62 -9.89
C GLN B 189 28.91 -22.10 -11.33
N ARG B 190 29.28 -21.26 -12.30
CA ARG B 190 29.02 -21.52 -13.67
C ARG B 190 30.29 -21.90 -14.44
N ALA B 191 30.32 -23.15 -14.90
CA ALA B 191 31.37 -23.65 -15.77
C ALA B 191 31.03 -23.13 -17.17
N ASN B 192 31.99 -22.48 -17.81
CA ASN B 192 31.79 -21.87 -19.15
C ASN B 192 30.71 -20.78 -19.11
N PRO B 193 31.05 -19.64 -18.49
CA PRO B 193 30.10 -18.53 -18.42
C PRO B 193 29.66 -18.02 -19.77
N ASP B 194 30.54 -18.11 -20.77
CA ASP B 194 30.27 -17.60 -22.11
C ASP B 194 29.85 -18.68 -23.10
N ASP B 195 29.46 -19.86 -22.61
CA ASP B 195 28.71 -20.82 -23.43
C ASP B 195 27.35 -20.18 -23.73
N PRO B 196 27.06 -19.84 -25.02
CA PRO B 196 25.80 -19.18 -25.39
C PRO B 196 24.49 -19.65 -24.70
N ALA B 197 24.46 -20.87 -24.13
CA ALA B 197 23.34 -21.32 -23.27
C ALA B 197 22.97 -20.39 -22.07
N TYR B 198 23.82 -19.40 -21.77
CA TYR B 198 23.53 -18.40 -20.73
C TYR B 198 23.17 -17.04 -21.34
N ASP B 199 22.85 -16.98 -22.62
CA ASP B 199 22.46 -15.71 -23.24
C ASP B 199 21.14 -15.18 -22.68
N GLU B 200 20.25 -16.06 -22.25
CA GLU B 200 18.99 -15.62 -21.69
C GLU B 200 19.22 -15.00 -20.31
N ASN B 201 20.27 -15.45 -19.63
CA ASN B 201 20.68 -14.90 -18.35
C ASN B 201 21.23 -13.50 -18.54
N LYS B 202 22.04 -13.35 -19.55
CA LYS B 202 22.58 -12.06 -19.85
C LYS B 202 21.50 -11.12 -20.35
N ARG B 203 20.52 -11.62 -21.09
CA ARG B 203 19.37 -10.76 -21.50
C ARG B 203 18.67 -10.19 -20.26
N GLN B 204 18.32 -11.09 -19.34
CA GLN B 204 17.60 -10.76 -18.11
C GLN B 204 18.44 -9.81 -17.21
N PHE B 205 19.72 -10.13 -17.03
CA PHE B 205 20.67 -9.20 -16.36
C PHE B 205 20.64 -7.78 -16.95
N GLN B 206 20.77 -7.65 -18.26
CA GLN B 206 20.69 -6.33 -18.91
C GLN B 206 19.34 -5.63 -18.67
N GLU B 207 18.25 -6.38 -18.76
CA GLU B 207 16.92 -5.83 -18.47
C GLU B 207 16.84 -5.32 -17.01
N ASP B 208 17.35 -6.10 -16.07
CA ASP B 208 17.37 -5.65 -14.66
C ASP B 208 18.25 -4.42 -14.37
N ILE B 209 19.37 -4.32 -15.08
CA ILE B 209 20.22 -3.15 -15.00
C ILE B 209 19.47 -1.94 -15.50
N LYS B 210 18.79 -2.09 -16.63
CA LYS B 210 18.00 -0.99 -17.17
C LYS B 210 16.93 -0.51 -16.20
N VAL B 211 16.18 -1.41 -15.60
CA VAL B 211 15.20 -1.00 -14.58
C VAL B 211 15.85 -0.18 -13.45
N MET B 212 17.00 -0.65 -12.95
CA MET B 212 17.69 0.07 -11.87
C MET B 212 18.13 1.45 -12.38
N ASN B 213 18.61 1.49 -13.61
CA ASN B 213 19.01 2.76 -14.21
C ASN B 213 17.83 3.70 -14.50
N ASP B 214 16.64 3.16 -14.80
CA ASP B 214 15.46 4.04 -15.03
C ASP B 214 15.06 4.76 -13.72
N LEU B 215 15.15 4.05 -12.62
CA LEU B 215 14.94 4.68 -11.32
C LEU B 215 15.99 5.76 -10.96
N VAL B 216 17.27 5.54 -11.28
CA VAL B 216 18.30 6.52 -11.07
C VAL B 216 17.92 7.80 -11.79
N ASP B 217 17.46 7.66 -13.03
CA ASP B 217 17.02 8.83 -13.83
C ASP B 217 15.90 9.60 -13.15
N LYS B 218 14.86 8.91 -12.68
CA LYS B 218 13.79 9.56 -11.91
C LYS B 218 14.30 10.31 -10.69
N ILE B 219 15.27 9.74 -9.96
CA ILE B 219 15.83 10.39 -8.76
C ILE B 219 16.54 11.68 -9.17
N ILE B 220 17.38 11.62 -10.19
CA ILE B 220 18.10 12.83 -10.66
C ILE B 220 17.15 13.90 -11.26
N ALA B 221 16.28 13.52 -12.20
CA ALA B 221 15.18 14.43 -12.63
C ALA B 221 14.41 15.06 -11.46
N ASP B 222 13.94 14.25 -10.52
CA ASP B 222 13.20 14.78 -9.39
C ASP B 222 14.01 15.85 -8.67
N ARG B 223 15.31 15.59 -8.43
CA ARG B 223 16.18 16.57 -7.82
C ARG B 223 16.38 17.81 -8.68
N LYS B 224 16.68 17.63 -9.96
CA LYS B 224 16.91 18.78 -10.84
C LYS B 224 15.60 19.53 -11.10
N ALA B 225 14.57 18.84 -11.56
CA ALA B 225 13.24 19.45 -11.71
C ALA B 225 12.54 19.54 -10.35
N SER B 226 13.13 20.32 -9.43
CA SER B 226 12.61 20.55 -8.07
C SER B 226 13.53 21.53 -7.35
N GLY B 227 13.03 22.75 -7.16
CA GLY B 227 13.83 23.86 -6.68
C GLY B 227 14.28 23.78 -5.24
N GLU B 228 13.43 23.19 -4.39
CA GLU B 228 13.69 23.14 -2.94
C GLU B 228 14.94 22.29 -2.68
N GLN B 229 16.10 22.95 -2.68
CA GLN B 229 17.38 22.25 -2.59
C GLN B 229 17.50 21.66 -1.19
N SER B 230 18.00 20.42 -1.11
CA SER B 230 18.29 19.75 0.17
C SER B 230 19.79 19.86 0.46
N ASP B 231 20.24 19.19 1.53
CA ASP B 231 21.66 19.02 1.75
C ASP B 231 21.98 17.58 2.14
N ASP B 232 21.79 16.65 1.20
CA ASP B 232 21.89 15.23 1.49
C ASP B 232 22.96 14.56 0.61
N LEU B 233 22.99 13.25 0.60
CA LEU B 233 24.01 12.50 -0.15
C LEU B 233 24.00 12.85 -1.63
N LEU B 234 22.80 12.99 -2.20
CA LEU B 234 22.67 13.36 -3.60
C LEU B 234 23.22 14.78 -3.87
N THR B 235 22.99 15.72 -2.94
CA THR B 235 23.51 17.07 -3.07
C THR B 235 25.05 17.00 -3.21
N HIS B 236 25.69 16.23 -2.35
CA HIS B 236 27.15 16.06 -2.41
C HIS B 236 27.58 15.32 -3.67
N MET B 237 26.86 14.28 -4.09
CA MET B 237 27.20 13.67 -5.36
C MET B 237 27.15 14.69 -6.52
N LEU B 238 26.05 15.43 -6.62
CA LEU B 238 25.85 16.31 -7.78
C LEU B 238 26.76 17.54 -7.75
N ASN B 239 27.08 18.07 -6.56
CA ASN B 239 27.81 19.35 -6.43
C ASN B 239 29.12 19.28 -5.70
N GLY B 240 29.39 18.26 -4.89
CA GLY B 240 30.57 18.28 -4.04
C GLY B 240 31.86 18.19 -4.86
N LYS B 241 32.95 18.73 -4.32
CA LYS B 241 34.25 18.68 -4.97
C LYS B 241 35.25 17.99 -4.07
N ASP B 242 36.08 17.11 -4.64
CA ASP B 242 37.04 16.37 -3.86
C ASP B 242 38.09 17.37 -3.46
N PRO B 243 38.30 17.56 -2.16
CA PRO B 243 39.33 18.49 -1.71
C PRO B 243 40.73 18.21 -2.23
N GLU B 244 41.10 16.95 -2.49
CA GLU B 244 42.47 16.64 -3.00
C GLU B 244 42.67 17.05 -4.49
N THR B 245 41.95 16.42 -5.40
CA THR B 245 42.03 16.73 -6.79
C THR B 245 41.34 18.04 -7.19
N GLY B 246 40.41 18.54 -6.38
CA GLY B 246 39.53 19.68 -6.76
C GLY B 246 38.40 19.32 -7.75
N GLU B 247 38.26 18.05 -8.10
CA GLU B 247 37.29 17.63 -9.14
C GLU B 247 35.98 17.14 -8.49
N PRO B 248 34.83 17.38 -9.14
CA PRO B 248 33.63 16.69 -8.73
C PRO B 248 33.58 15.30 -9.33
N LEU B 249 32.57 14.52 -8.91
CA LEU B 249 32.36 13.20 -9.52
C LEU B 249 31.78 13.39 -10.89
N ASP B 250 32.22 12.60 -11.85
CA ASP B 250 31.58 12.67 -13.16
C ASP B 250 30.23 11.94 -13.15
N ASP B 251 29.45 12.17 -14.20
CA ASP B 251 28.09 11.65 -14.31
C ASP B 251 28.01 10.13 -14.27
N GLU B 252 29.00 9.46 -14.82
CA GLU B 252 28.98 7.99 -14.84
C GLU B 252 29.17 7.44 -13.42
N ASN B 253 30.12 7.99 -12.70
CA ASN B 253 30.37 7.55 -11.33
C ASN B 253 29.21 7.90 -10.38
N ILE B 254 28.59 9.08 -10.56
CA ILE B 254 27.42 9.51 -9.77
C ILE B 254 26.32 8.42 -9.91
N ARG B 255 26.05 7.99 -11.14
CA ARG B 255 25.02 7.00 -11.34
C ARG B 255 25.37 5.69 -10.59
N TYR B 256 26.62 5.26 -10.68
CA TYR B 256 27.07 4.08 -9.95
C TYR B 256 26.92 4.21 -8.39
N GLN B 257 27.17 5.40 -7.88
CA GLN B 257 27.02 5.70 -6.45
C GLN B 257 25.55 5.66 -5.97
N ILE B 258 24.62 6.11 -6.79
CA ILE B 258 23.21 6.06 -6.48
C ILE B 258 22.76 4.59 -6.39
N ILE B 259 23.12 3.78 -7.41
CA ILE B 259 22.82 2.34 -7.44
C ILE B 259 23.47 1.74 -6.19
N THR B 260 24.74 2.05 -5.97
CA THR B 260 25.46 1.49 -4.83
C THR B 260 24.78 1.84 -3.48
N PHE B 261 24.46 3.10 -3.23
CA PHE B 261 23.86 3.47 -1.93
C PHE B 261 22.40 2.97 -1.76
N LEU B 262 21.63 2.87 -2.83
CA LEU B 262 20.32 2.30 -2.72
C LEU B 262 20.35 0.80 -2.37
N ILE B 263 21.39 0.09 -2.79
CA ILE B 263 21.49 -1.36 -2.53
C ILE B 263 22.14 -1.58 -1.19
N ALA B 264 23.38 -1.11 -1.02
CA ALA B 264 24.10 -1.32 0.23
C ALA B 264 23.49 -0.59 1.42
N GLY B 265 22.79 0.50 1.15
CA GLY B 265 22.15 1.31 2.15
C GLY B 265 20.80 0.83 2.64
N HIS B 266 20.33 -0.31 2.14
CA HIS B 266 19.09 -0.92 2.67
C HIS B 266 19.07 -2.45 2.82
N GLU B 267 19.66 -3.20 1.88
CA GLU B 267 19.45 -4.66 1.83
C GLU B 267 19.91 -5.40 3.11
N THR B 268 21.11 -5.05 3.57
CA THR B 268 21.71 -5.65 4.73
C THR B 268 21.08 -5.20 6.02
N THR B 269 20.61 -3.96 6.07
CA THR B 269 19.86 -3.50 7.19
C THR B 269 18.51 -4.22 7.32
N SER B 270 17.89 -4.49 6.18
CA SER B 270 16.69 -5.33 6.18
C SER B 270 16.93 -6.75 6.76
N GLY B 271 18.05 -7.34 6.34
CA GLY B 271 18.45 -8.62 6.83
C GLY B 271 18.61 -8.62 8.32
N LEU B 272 19.32 -7.61 8.83
CA LEU B 272 19.63 -7.44 10.25
C LEU B 272 18.36 -7.37 11.09
N LEU B 273 17.43 -6.56 10.67
CA LEU B 273 16.20 -6.35 11.42
C LEU B 273 15.39 -7.65 11.46
N SER B 274 15.31 -8.34 10.32
CA SER B 274 14.65 -9.64 10.23
C SER B 274 15.30 -10.70 11.13
N PHE B 275 16.63 -10.86 11.06
CA PHE B 275 17.31 -11.79 11.98
C PHE B 275 17.13 -11.40 13.46
N ALA B 276 17.20 -10.10 13.77
CA ALA B 276 17.04 -9.64 15.14
C ALA B 276 15.65 -9.98 15.69
N LEU B 277 14.61 -9.70 14.93
CA LEU B 277 13.26 -10.05 15.37
C LEU B 277 13.08 -11.57 15.48
N TYR B 278 13.64 -12.34 14.53
CA TYR B 278 13.66 -13.82 14.62
C TYR B 278 14.22 -14.27 15.94
N PHE B 279 15.40 -13.77 16.31
CA PHE B 279 16.05 -14.19 17.52
C PHE B 279 15.28 -13.70 18.78
N LEU B 280 14.64 -12.54 18.73
CA LEU B 280 13.77 -12.15 19.86
C LEU B 280 12.55 -13.06 20.08
N VAL B 281 11.89 -13.48 19.03
CA VAL B 281 10.74 -14.36 19.18
C VAL B 281 11.17 -15.81 19.58
N LYS B 282 12.42 -16.17 19.40
CA LYS B 282 12.90 -17.47 19.85
C LYS B 282 13.53 -17.44 21.21
N ASN B 283 13.71 -16.25 21.80
CA ASN B 283 14.37 -16.10 23.10
C ASN B 283 13.58 -15.11 23.98
N PRO B 284 12.45 -15.56 24.54
CA PRO B 284 11.48 -14.73 25.26
C PRO B 284 12.06 -13.92 26.39
N HIS B 285 13.03 -14.44 27.13
CA HIS B 285 13.64 -13.65 28.18
C HIS B 285 14.39 -12.43 27.61
N VAL B 286 15.03 -12.61 26.46
CA VAL B 286 15.73 -11.50 25.79
C VAL B 286 14.74 -10.49 25.28
N LEU B 287 13.71 -10.95 24.59
CA LEU B 287 12.60 -10.11 24.19
C LEU B 287 12.05 -9.25 25.32
N GLN B 288 11.83 -9.84 26.49
CA GLN B 288 11.25 -9.13 27.61
C GLN B 288 12.22 -8.05 28.12
N LYS B 289 13.50 -8.41 28.26
CA LYS B 289 14.50 -7.45 28.66
C LYS B 289 14.59 -6.23 27.69
N ALA B 290 14.54 -6.49 26.38
CA ALA B 290 14.61 -5.45 25.38
C ALA B 290 13.37 -4.59 25.43
N ALA B 291 12.19 -5.24 25.56
CA ALA B 291 10.91 -4.52 25.71
C ALA B 291 10.88 -3.61 26.91
N GLU B 292 11.43 -4.07 28.04
CA GLU B 292 11.49 -3.23 29.21
C GLU B 292 12.39 -2.03 29.00
N GLU B 293 13.54 -2.21 28.31
CA GLU B 293 14.38 -1.06 28.03
C GLU B 293 13.63 -0.05 27.15
N ALA B 294 12.95 -0.55 26.15
CA ALA B 294 12.22 0.31 25.22
C ALA B 294 11.14 1.11 25.95
N ALA B 295 10.37 0.46 26.84
CA ALA B 295 9.34 1.15 27.68
C ALA B 295 9.91 2.23 28.60
N ARG B 296 11.04 1.93 29.23
CA ARG B 296 11.69 2.81 30.14
C ARG B 296 12.28 4.02 29.45
N VAL B 297 12.88 3.85 28.25
CA VAL B 297 13.60 4.93 27.55
C VAL B 297 12.69 5.76 26.60
N LEU B 298 11.87 5.08 25.82
CA LEU B 298 11.04 5.74 24.82
C LEU B 298 9.72 6.25 25.43
N VAL B 299 9.85 7.29 26.26
CA VAL B 299 8.74 7.85 27.07
C VAL B 299 7.88 8.90 26.34
N ASP B 300 8.33 9.38 25.18
CA ASP B 300 7.63 10.41 24.46
C ASP B 300 6.85 9.81 23.31
N PRO B 301 5.90 10.55 22.74
CA PRO B 301 5.11 10.04 21.61
C PRO B 301 5.95 9.58 20.40
N VAL B 302 7.04 10.27 20.06
CA VAL B 302 8.02 9.70 19.08
C VAL B 302 9.43 9.78 19.66
N PRO B 303 10.34 8.90 19.20
CA PRO B 303 11.68 8.92 19.77
C PRO B 303 12.51 10.13 19.38
N SER B 304 13.24 10.70 20.34
CA SER B 304 14.22 11.71 20.04
C SER B 304 15.51 11.01 19.71
N TYR B 305 16.43 11.78 19.09
CA TYR B 305 17.78 11.30 18.78
C TYR B 305 18.50 10.83 20.06
N LYS B 306 18.43 11.62 21.12
CA LYS B 306 19.08 11.25 22.39
C LYS B 306 18.53 9.98 22.99
N GLN B 307 17.21 9.80 22.93
CA GLN B 307 16.61 8.58 23.42
C GLN B 307 17.10 7.30 22.70
N VAL B 308 17.24 7.38 21.40
CA VAL B 308 17.76 6.26 20.63
C VAL B 308 19.15 5.90 21.14
N LYS B 309 19.98 6.89 21.47
CA LYS B 309 21.35 6.65 21.95
C LYS B 309 21.40 6.02 23.34
N GLN B 310 20.29 6.01 24.10
CA GLN B 310 20.21 5.36 25.39
C GLN B 310 19.73 3.92 25.32
N LEU B 311 19.36 3.44 24.13
CA LEU B 311 18.85 2.07 23.99
C LEU B 311 20.00 1.05 23.89
N LYS B 312 20.74 0.83 24.99
CA LYS B 312 21.95 0.01 24.98
C LYS B 312 21.70 -1.46 24.66
N TYR B 313 20.68 -1.99 25.31
CA TYR B 313 20.36 -3.39 25.15
C TYR B 313 19.81 -3.68 23.78
N VAL B 314 19.03 -2.74 23.23
CA VAL B 314 18.62 -2.91 21.86
C VAL B 314 19.85 -3.01 20.98
N GLY B 315 20.85 -2.18 21.21
CA GLY B 315 22.06 -2.25 20.38
C GLY B 315 22.79 -3.58 20.54
N MET B 316 22.78 -4.10 21.74
CA MET B 316 23.35 -5.39 22.05
C MET B 316 22.66 -6.57 21.31
N VAL B 317 21.34 -6.51 21.22
CA VAL B 317 20.52 -7.44 20.46
C VAL B 317 20.92 -7.39 19.00
N LEU B 318 21.04 -6.18 18.46
CA LEU B 318 21.45 -6.04 17.05
C LEU B 318 22.85 -6.63 16.86
N ASN B 319 23.77 -6.29 17.75
CA ASN B 319 25.15 -6.84 17.60
C ASN B 319 25.18 -8.39 17.67
N GLU B 320 24.37 -8.97 18.55
CA GLU B 320 24.31 -10.42 18.67
C GLU B 320 23.67 -11.02 17.42
N ALA B 321 22.78 -10.30 16.75
CA ALA B 321 22.23 -10.81 15.48
C ALA B 321 23.27 -10.80 14.35
N LEU B 322 24.02 -9.70 14.32
CA LEU B 322 25.19 -9.55 13.43
C LEU B 322 26.30 -10.60 13.68
N ARG B 323 26.50 -11.01 14.94
CA ARG B 323 27.47 -12.04 15.24
C ARG B 323 27.07 -13.32 14.53
N LEU B 324 25.88 -13.79 14.79
CA LEU B 324 25.45 -15.07 14.28
C LEU B 324 25.18 -15.07 12.75
N TRP B 325 24.56 -14.01 12.24
CA TRP B 325 24.16 -13.89 10.83
C TRP B 325 24.55 -12.49 10.27
N PRO B 326 25.86 -12.23 10.14
CA PRO B 326 26.26 -10.99 9.54
C PRO B 326 25.73 -10.97 8.06
N THR B 327 24.98 -9.94 7.67
CA THR B 327 24.20 -10.01 6.43
C THR B 327 24.95 -9.75 5.12
N ALA B 328 26.17 -9.19 5.21
CA ALA B 328 27.15 -9.19 4.11
C ALA B 328 28.24 -10.12 4.59
N PRO B 329 28.10 -11.42 4.28
CA PRO B 329 28.80 -12.42 5.10
C PRO B 329 30.24 -12.71 4.75
N ALA B 330 30.83 -12.01 3.79
CA ALA B 330 32.27 -12.15 3.50
C ALA B 330 32.86 -10.80 3.07
N PHE B 331 34.16 -10.65 3.29
CA PHE B 331 34.95 -9.65 2.57
C PHE B 331 36.29 -10.23 2.19
N SER B 332 36.93 -9.60 1.20
CA SER B 332 38.13 -10.13 0.52
C SER B 332 39.31 -9.17 0.66
N LEU B 333 40.50 -9.76 0.78
CA LEU B 333 41.79 -9.05 0.91
C LEU B 333 42.81 -9.62 -0.03
N TYR B 334 43.78 -8.83 -0.44
CA TYR B 334 44.97 -9.38 -1.10
C TYR B 334 46.24 -8.91 -0.38
N ALA B 335 47.29 -9.72 -0.52
CA ALA B 335 48.61 -9.42 0.08
C ALA B 335 49.31 -8.26 -0.68
N LYS B 336 49.63 -7.19 0.05
CA LYS B 336 50.35 -6.05 -0.50
C LYS B 336 51.80 -6.42 -0.89
N GLU B 337 52.33 -7.42 -0.15
CA GLU B 337 53.71 -7.93 -0.25
C GLU B 337 53.74 -9.41 0.15
N ASP B 338 54.77 -10.11 -0.28
CA ASP B 338 55.05 -11.48 0.25
C ASP B 338 55.05 -11.41 1.78
N THR B 339 54.49 -12.39 2.44
CA THR B 339 54.35 -12.30 3.89
C THR B 339 53.97 -13.66 4.37
N VAL B 340 54.11 -13.93 5.65
CA VAL B 340 53.73 -15.25 6.22
C VAL B 340 52.53 -15.07 7.13
N LEU B 341 51.44 -15.79 6.85
CA LEU B 341 50.23 -15.61 7.63
C LEU B 341 50.27 -16.57 8.83
N GLY B 342 50.13 -16.02 10.03
CA GLY B 342 50.04 -16.80 11.26
C GLY B 342 51.28 -17.64 11.56
N GLY B 343 52.42 -17.16 11.09
CA GLY B 343 53.68 -17.89 11.11
C GLY B 343 53.70 -19.26 10.44
N GLU B 344 52.73 -19.59 9.59
CA GLU B 344 52.61 -20.95 9.00
C GLU B 344 52.17 -21.02 7.55
N TYR B 345 51.61 -19.93 7.00
CA TYR B 345 51.06 -19.94 5.62
C TYR B 345 51.74 -18.88 4.75
N PRO B 346 52.80 -19.28 4.02
CA PRO B 346 53.50 -18.32 3.13
C PRO B 346 52.56 -17.78 2.07
N LEU B 347 52.55 -16.48 1.86
CA LEU B 347 51.74 -15.87 0.78
C LEU B 347 52.66 -15.01 -0.08
N GLU B 348 52.40 -14.98 -1.39
CA GLU B 348 53.09 -14.08 -2.28
C GLU B 348 52.24 -12.87 -2.53
N LYS B 349 52.87 -11.79 -3.00
CA LYS B 349 52.15 -10.56 -3.27
C LYS B 349 51.01 -10.88 -4.21
N GLY B 350 49.80 -10.39 -3.92
CA GLY B 350 48.64 -10.57 -4.78
C GLY B 350 47.75 -11.71 -4.35
N ASP B 351 48.22 -12.58 -3.47
CA ASP B 351 47.41 -13.73 -3.03
C ASP B 351 46.15 -13.26 -2.27
N GLU B 352 45.02 -13.90 -2.56
CA GLU B 352 43.71 -13.49 -2.02
C GLU B 352 43.26 -14.26 -0.78
N LEU B 353 42.57 -13.53 0.10
CA LEU B 353 41.97 -14.11 1.27
C LEU B 353 40.46 -13.78 1.26
N MET B 354 39.66 -14.68 1.83
CA MET B 354 38.24 -14.40 2.03
C MET B 354 37.96 -14.57 3.49
N VAL B 355 37.46 -13.50 4.12
CA VAL B 355 37.01 -13.54 5.52
C VAL B 355 35.61 -14.06 5.58
N LEU B 356 35.46 -15.25 6.16
CA LEU B 356 34.18 -15.92 6.31
C LEU B 356 33.59 -15.50 7.65
N ILE B 357 32.83 -14.40 7.61
CA ILE B 357 32.46 -13.68 8.82
C ILE B 357 31.61 -14.50 9.80
N PRO B 358 30.61 -15.29 9.30
CA PRO B 358 29.82 -16.08 10.22
C PRO B 358 30.67 -17.08 10.99
N GLN B 359 31.75 -17.60 10.39
CA GLN B 359 32.57 -18.57 11.09
C GLN B 359 33.49 -17.89 12.07
N LEU B 360 34.07 -16.77 11.69
CA LEU B 360 34.84 -15.95 12.62
C LEU B 360 34.07 -15.69 13.92
N HIS B 361 32.82 -15.34 13.72
CA HIS B 361 31.91 -15.04 14.81
C HIS B 361 31.50 -16.26 15.63
N ARG B 362 31.90 -17.45 15.18
CA ARG B 362 31.70 -18.69 15.91
C ARG B 362 33.01 -19.31 16.47
N ASP B 363 34.08 -18.52 16.49
CA ASP B 363 35.39 -18.94 16.97
C ASP B 363 35.36 -19.18 18.49
N LYS B 364 35.29 -20.45 18.87
CA LYS B 364 35.18 -20.83 20.33
C LYS B 364 36.25 -20.31 21.26
N THR B 365 37.42 -19.99 20.73
CA THR B 365 38.52 -19.48 21.53
C THR B 365 38.31 -18.03 21.93
N ILE B 366 37.39 -17.36 21.25
CA ILE B 366 37.01 -15.99 21.55
C ILE B 366 35.75 -15.94 22.35
N TRP B 367 34.71 -16.67 21.92
CA TRP B 367 33.35 -16.53 22.44
C TRP B 367 32.86 -17.60 23.46
N GLY B 368 33.63 -18.69 23.64
CA GLY B 368 33.18 -19.80 24.51
C GLY B 368 32.58 -20.98 23.76
N ASP B 369 32.11 -21.97 24.49
CA ASP B 369 31.60 -23.22 23.89
C ASP B 369 30.11 -23.10 23.55
N ASP B 370 29.48 -21.99 23.96
CA ASP B 370 28.07 -21.73 23.66
C ASP B 370 27.83 -20.82 22.44
N VAL B 371 28.66 -20.91 21.39
CA VAL B 371 28.64 -19.90 20.32
C VAL B 371 27.33 -19.83 19.53
N GLU B 372 26.55 -20.92 19.52
CA GLU B 372 25.27 -20.92 18.85
C GLU B 372 24.12 -20.29 19.65
N GLU B 373 24.32 -19.98 20.92
CA GLU B 373 23.24 -19.38 21.71
C GLU B 373 23.12 -17.87 21.47
N PHE B 374 21.90 -17.37 21.43
CA PHE B 374 21.66 -15.91 21.27
C PHE B 374 21.69 -15.25 22.64
N ARG B 375 22.81 -14.57 22.94
CA ARG B 375 23.08 -13.91 24.19
C ARG B 375 23.63 -12.49 24.06
N PRO B 376 22.73 -11.49 24.05
CA PRO B 376 23.21 -10.13 23.87
C PRO B 376 24.20 -9.61 24.89
N GLU B 377 24.25 -10.23 26.07
CA GLU B 377 25.15 -9.79 27.15
C GLU B 377 26.63 -9.97 26.80
N ARG B 378 26.93 -10.84 25.82
CA ARG B 378 28.29 -10.90 25.24
C ARG B 378 28.80 -9.52 24.90
N PHE B 379 27.89 -8.62 24.54
CA PHE B 379 28.24 -7.26 24.19
C PHE B 379 28.03 -6.18 25.27
N GLU B 380 27.96 -6.54 26.56
CA GLU B 380 27.88 -5.52 27.65
C GLU B 380 29.00 -4.50 27.58
N ASN B 381 30.24 -4.93 27.29
CA ASN B 381 31.38 -3.98 27.18
C ASN B 381 32.24 -4.32 25.97
N PRO B 382 32.00 -3.62 24.87
CA PRO B 382 32.64 -4.12 23.66
C PRO B 382 34.14 -3.86 23.56
N SER B 383 34.68 -2.96 24.40
CA SER B 383 36.13 -2.78 24.53
C SER B 383 36.84 -4.01 25.04
N ALA B 384 36.15 -4.84 25.82
CA ALA B 384 36.67 -6.14 26.26
C ALA B 384 36.47 -7.34 25.28
N ILE B 385 36.23 -7.06 23.99
CA ILE B 385 36.18 -8.12 22.95
C ILE B 385 37.47 -7.99 22.17
N PRO B 386 38.19 -9.08 21.92
CA PRO B 386 39.49 -8.91 21.27
C PRO B 386 39.41 -8.23 19.90
N GLN B 387 40.52 -7.62 19.53
CA GLN B 387 40.67 -6.87 18.29
C GLN B 387 40.32 -7.78 17.10
N HIS B 388 39.51 -7.28 16.19
CA HIS B 388 39.14 -8.02 14.98
C HIS B 388 38.41 -9.34 15.19
N ALA B 389 37.83 -9.57 16.38
CA ALA B 389 36.93 -10.71 16.58
C ALA B 389 35.51 -10.51 16.04
N PHE B 390 35.09 -9.26 15.88
CA PHE B 390 33.69 -8.91 15.49
C PHE B 390 33.75 -7.92 14.30
N LYS B 391 33.48 -8.43 13.09
CA LYS B 391 33.67 -7.71 11.87
C LYS B 391 32.53 -7.69 10.89
N PRO B 392 31.30 -7.48 11.35
CA PRO B 392 30.19 -7.44 10.37
C PRO B 392 30.16 -6.23 9.41
N PHE B 393 30.95 -5.21 9.70
CA PHE B 393 31.07 -4.00 8.90
C PHE B 393 32.42 -3.88 8.13
N GLY B 394 33.13 -4.99 7.98
CA GLY B 394 34.43 -4.96 7.27
C GLY B 394 35.56 -4.33 8.08
N ASN B 395 36.54 -3.78 7.35
CA ASN B 395 37.82 -3.42 7.97
C ASN B 395 38.44 -2.14 7.44
N GLY B 396 38.91 -1.32 8.40
CA GLY B 396 39.87 -0.23 8.20
C GLY B 396 39.30 0.86 7.33
N GLN B 397 40.10 1.41 6.42
CA GLN B 397 39.66 2.43 5.48
C GLN B 397 38.57 2.00 4.50
N ARG B 398 38.43 0.68 4.29
CA ARG B 398 37.35 0.13 3.47
C ARG B 398 36.21 -0.47 4.30
N ALA B 399 36.05 -0.03 5.56
CA ALA B 399 34.95 -0.52 6.36
C ALA B 399 33.68 0.22 5.93
N CYS B 400 32.56 -0.32 6.36
CA CYS B 400 31.24 0.25 6.04
C CYS B 400 31.20 1.76 6.35
N ILE B 401 30.98 2.56 5.33
CA ILE B 401 30.75 3.99 5.54
C ILE B 401 29.37 4.27 6.20
N GLY B 402 28.42 3.33 6.11
CA GLY B 402 27.08 3.55 6.64
C GLY B 402 26.78 2.90 7.98
N GLN B 403 27.83 2.46 8.69
CA GLN B 403 27.64 1.66 9.89
C GLN B 403 26.76 2.37 10.97
N GLN B 404 27.08 3.63 11.24
CA GLN B 404 26.31 4.41 12.22
C GLN B 404 24.88 4.72 11.73
N PHE B 405 24.71 5.02 10.44
CA PHE B 405 23.41 5.18 9.84
C PHE B 405 22.56 3.90 10.05
N ALA B 406 23.14 2.74 9.73
CA ALA B 406 22.45 1.43 9.91
C ALA B 406 22.12 1.13 11.39
N CYS B 407 23.11 1.32 12.25
CA CYS B 407 22.89 1.10 13.67
C CYS B 407 21.84 2.04 14.22
N HIS B 408 21.84 3.31 13.82
CA HIS B 408 20.83 4.24 14.35
C HIS B 408 19.40 3.91 13.86
N GLU B 409 19.28 3.65 12.56
CA GLU B 409 18.02 3.20 11.98
C GLU B 409 17.44 1.95 12.64
N ALA B 410 18.26 0.91 12.73
CA ALA B 410 17.79 -0.36 13.26
C ALA B 410 17.43 -0.27 14.78
N THR B 411 18.22 0.50 15.51
CA THR B 411 17.97 0.74 16.93
C THR B 411 16.66 1.51 17.08
N LEU B 412 16.48 2.59 16.32
CA LEU B 412 15.22 3.35 16.37
C LEU B 412 14.01 2.43 16.15
N VAL B 413 14.04 1.73 15.03
CA VAL B 413 12.90 0.97 14.61
C VAL B 413 12.63 -0.23 15.56
N LEU B 414 13.67 -0.92 15.97
CA LEU B 414 13.49 -2.05 16.88
C LEU B 414 12.94 -1.57 18.22
N GLY B 415 13.44 -0.42 18.71
CA GLY B 415 12.94 0.23 19.91
C GLY B 415 11.44 0.50 19.82
N MET B 416 11.04 1.06 18.70
CA MET B 416 9.63 1.41 18.56
C MET B 416 8.80 0.15 18.44
N MET B 417 9.29 -0.84 17.70
CA MET B 417 8.58 -2.10 17.60
C MET B 417 8.31 -2.74 19.00
N LEU B 418 9.36 -2.79 19.81
CA LEU B 418 9.33 -3.35 21.14
C LEU B 418 8.47 -2.54 22.09
N LYS B 419 8.41 -1.22 21.91
CA LYS B 419 7.50 -0.37 22.69
C LYS B 419 6.04 -0.63 22.36
N HIS B 420 5.73 -0.84 21.08
CA HIS B 420 4.34 -0.77 20.64
C HIS B 420 3.64 -2.12 20.51
N PHE B 421 4.38 -3.22 20.49
CA PHE B 421 3.73 -4.53 20.25
C PHE B 421 4.31 -5.63 21.14
N ASP B 422 3.48 -6.62 21.44
CA ASP B 422 3.96 -7.98 21.78
C ASP B 422 4.05 -8.83 20.48
N PHE B 423 4.95 -9.77 20.42
CA PHE B 423 5.14 -10.56 19.21
C PHE B 423 4.90 -12.05 19.45
N GLU B 424 4.33 -12.72 18.45
CA GLU B 424 4.05 -14.14 18.54
C GLU B 424 4.62 -14.88 17.30
N ASP B 425 5.37 -15.93 17.57
CA ASP B 425 5.92 -16.82 16.56
C ASP B 425 4.86 -17.84 16.37
N HIS B 426 3.84 -17.47 15.63
CA HIS B 426 2.59 -18.22 15.60
C HIS B 426 2.66 -19.50 14.78
N THR B 427 3.61 -19.59 13.83
CA THR B 427 3.81 -20.80 13.02
C THR B 427 4.96 -21.66 13.55
N ASN B 428 5.56 -21.29 14.68
CA ASN B 428 6.83 -21.89 15.09
C ASN B 428 7.83 -22.00 13.92
N TYR B 429 8.18 -20.84 13.37
CA TYR B 429 8.97 -20.71 12.13
C TYR B 429 10.31 -21.42 12.20
N GLU B 430 10.62 -22.18 11.17
CA GLU B 430 11.93 -22.82 11.02
C GLU B 430 12.85 -21.93 10.14
N LEU B 431 13.97 -21.52 10.69
CA LEU B 431 14.86 -20.58 10.00
C LEU B 431 15.26 -21.10 8.63
N ASP B 432 15.02 -20.31 7.61
CA ASP B 432 15.38 -20.62 6.24
C ASP B 432 16.07 -19.35 5.71
N ILE B 433 17.39 -19.44 5.47
CA ILE B 433 18.22 -18.31 5.05
C ILE B 433 18.42 -18.30 3.54
N LYS B 434 17.77 -17.31 2.89
CA LYS B 434 17.93 -17.02 1.49
C LYS B 434 19.26 -16.28 1.27
N GLU B 435 20.00 -16.72 0.25
CA GLU B 435 21.27 -16.09 -0.15
C GLU B 435 21.15 -15.40 -1.51
N THR B 436 21.52 -14.12 -1.56
CA THR B 436 21.64 -13.35 -2.84
C THR B 436 22.97 -12.60 -2.70
N LEU B 437 24.04 -13.36 -2.44
CA LEU B 437 25.29 -12.80 -1.92
C LEU B 437 25.09 -12.42 -0.45
N THR B 438 24.20 -11.46 -0.21
CA THR B 438 23.70 -11.16 1.12
C THR B 438 22.77 -12.24 1.71
N LEU B 439 22.53 -12.15 3.02
CA LEU B 439 21.73 -13.13 3.78
C LEU B 439 20.48 -12.56 4.39
N LYS B 440 19.37 -13.29 4.23
CA LYS B 440 18.06 -12.86 4.85
C LYS B 440 17.18 -14.03 5.22
N PRO B 441 16.43 -13.96 6.34
CA PRO B 441 15.39 -15.02 6.51
C PRO B 441 14.33 -14.95 5.39
N GLU B 442 13.93 -16.10 4.88
CA GLU B 442 12.83 -16.21 3.90
C GLU B 442 11.58 -16.85 4.59
N GLY B 443 10.39 -16.31 4.35
CA GLY B 443 9.14 -16.91 4.86
C GLY B 443 8.89 -16.61 6.32
N PHE B 444 9.69 -15.72 6.94
CA PHE B 444 9.58 -15.44 8.39
C PHE B 444 8.34 -14.56 8.60
N VAL B 445 7.42 -15.07 9.45
CA VAL B 445 6.11 -14.45 9.75
C VAL B 445 5.90 -14.43 11.25
N VAL B 446 5.31 -13.35 11.75
CA VAL B 446 4.90 -13.24 13.15
C VAL B 446 3.53 -12.62 13.23
N LYS B 447 2.95 -12.70 14.42
CA LYS B 447 1.76 -11.91 14.80
C LYS B 447 2.12 -10.87 15.83
N ALA B 448 1.60 -9.67 15.64
CA ALA B 448 1.84 -8.62 16.59
C ALA B 448 0.54 -8.27 17.30
N LYS B 449 0.58 -8.14 18.62
CA LYS B 449 -0.56 -7.60 19.38
C LYS B 449 -0.22 -6.20 19.89
N SER B 450 -1.02 -5.23 19.52
CA SER B 450 -0.74 -3.85 19.86
C SER B 450 -0.80 -3.77 21.36
N LYS B 451 0.14 -3.04 21.96
CA LYS B 451 0.00 -2.56 23.32
C LYS B 451 -0.84 -1.28 23.44
N LYS B 452 -1.38 -0.77 22.32
CA LYS B 452 -2.28 0.41 22.34
C LYS B 452 -1.66 1.62 23.04
N ILE B 453 -0.40 1.92 22.73
CA ILE B 453 0.28 3.14 23.21
C ILE B 453 0.22 4.15 22.04
N PRO B 454 -0.35 5.36 22.28
CA PRO B 454 -0.46 6.25 21.12
C PRO B 454 0.90 6.67 20.53
N LEU B 455 0.90 6.96 19.25
CA LEU B 455 2.10 7.33 18.52
C LEU B 455 1.96 8.82 18.26
N GLY B 456 3.03 9.58 18.35
CA GLY B 456 2.97 11.03 18.08
C GLY B 456 3.10 11.32 16.59
N GLY B 457 2.76 12.55 16.22
CA GLY B 457 2.97 13.03 14.87
C GLY B 457 4.46 13.05 14.51
N ILE B 458 4.74 12.92 13.23
CA ILE B 458 6.11 12.88 12.68
C ILE B 458 6.81 14.26 12.90
N PRO B 459 8.04 14.27 13.51
CA PRO B 459 8.67 15.52 14.01
C PRO B 459 9.13 16.51 12.91
#